data_7KCL
#
_entry.id   7KCL
#
_cell.length_a   1.00
_cell.length_b   1.00
_cell.length_c   1.00
_cell.angle_alpha   90.00
_cell.angle_beta   90.00
_cell.angle_gamma   90.00
#
_symmetry.space_group_name_H-M   'P 1'
#
loop_
_entity.id
_entity.type
_entity.pdbx_description
1 polymer 'Heat shock protein 75 kDa, mitochondrial'
2 polymer 'Succinate dehydrogenase [ubiquinone] iron-sulfur subunit, mitochondrial'
3 non-polymer 'PHOSPHOAMINOPHOSPHONIC ACID-ADENYLATE ESTER'
4 non-polymer 'MAGNESIUM ION'
5 non-polymer 'POTASSIUM ION'
#
loop_
_entity_poly.entity_id
_entity_poly.type
_entity_poly.pdbx_seq_one_letter_code
_entity_poly.pdbx_strand_id
1 'polypeptide(L)'
;GIDPFTSTQTAEDKEEPLHSIISSTESVQGSTSKHEFQAETKKLLDIVARSLYSEKEVFIRELISNASDALEKLRHKLVS
DGQALPEMEIHLQTNAEKGTITIQDTGIGMTQEELVSNLGTIARSGSKAFLDALQNQAEASSKIIGQFGVGFYSAFMVAD
RVEVYSRSAAPGSLGYQWLSDGSGVFEIAEASGVRTGTKIIIHLKSDCKEFSSEARVRDVVTKYSNFVSFPLYLNGRRMN
TLQAIWMMDPKDVGEWQHEEFYRYVAQAHDKPRYTLHYKTDAPLNIRSIFYVPDMKPSMFDVSRELGSSVALYSRKVLIQ
TKATDILPKWLRFIRGVVDSEDIPLNLSRELLQESALIRKLRDVLQQRLIKFFIDQSKKDAEKYAKFFEDYGLFMREGIV
TATEQEVKEDIAKLLRYESSALPSGQLTSLSEYASRMRAGTRNIYYLCAPNRHLAEHSPYYEAMKKKDTEVLFCFEQFDE
LTLLHLREFDKKKLISVETDIVVDHYKEEKFEDRSPAAECLSEKETEELMAWMRNVLGSRVTNVKVTLRLDTHPAMVTVL
EMGAARHFLRMQQLAKTQEERAQLLQPTLEINPRHALIKKLNQLRASEPGLAQLLVDQIYENAMIAAGLVDDPRAMVGRL
NELLVKALERH
;
A,B
2 'polypeptide(L)'
;GPGSAQTAAATAPRIKKFAIYRWDPDKAGDKPHMQTYEVDLNKCGPMVLDALIKIKNEVDSTLTFRRSCREGICGSCAMN
INGGNTLACTRRIDTNLNKVSKIYPLPHMYVIKDLVPDLSNFYAQYKSIEPYLKKK
;
C
#
# COMPACT_ATOMS: atom_id res chain seq x y z
N PRO A 17 36.34 -10.45 24.23
CA PRO A 17 37.22 -9.27 24.15
C PRO A 17 36.92 -8.39 22.95
N LEU A 18 37.51 -7.20 22.93
CA LEU A 18 37.30 -6.23 21.86
C LEU A 18 38.62 -5.99 21.13
N HIS A 19 38.58 -6.03 19.80
CA HIS A 19 39.75 -5.81 18.96
C HIS A 19 39.53 -4.53 18.17
N SER A 20 40.25 -3.47 18.52
CA SER A 20 40.14 -2.18 17.87
C SER A 20 41.51 -1.72 17.41
N ILE A 21 41.56 -1.08 16.24
CA ILE A 21 42.80 -0.58 15.67
C ILE A 21 42.84 0.95 15.68
N ILE A 22 41.89 1.59 16.34
CA ILE A 22 41.85 3.05 16.38
C ILE A 22 42.80 3.54 17.45
N SER A 23 43.69 4.47 17.07
CA SER A 23 44.66 5.02 18.00
C SER A 23 44.78 6.52 17.73
N SER A 24 45.75 7.16 18.39
CA SER A 24 45.95 8.59 18.22
C SER A 24 47.43 8.95 18.12
N THR A 25 48.29 7.98 17.81
CA THR A 25 49.73 8.25 17.70
C THR A 25 50.10 9.00 16.43
N GLU A 26 49.17 9.16 15.50
CA GLU A 26 49.44 9.84 14.24
C GLU A 26 49.64 11.34 14.47
N SER A 27 50.39 11.96 13.56
CA SER A 27 50.68 13.38 13.65
C SER A 27 50.94 13.92 12.25
N VAL A 28 50.92 15.25 12.14
CA VAL A 28 51.14 15.95 10.88
C VAL A 28 52.50 16.63 10.95
N GLN A 29 53.31 16.44 9.90
CA GLN A 29 54.64 17.03 9.87
C GLN A 29 54.88 17.79 8.57
N GLY A 30 54.16 17.41 7.50
CA GLY A 30 54.38 18.02 6.22
C GLY A 30 53.72 19.39 6.09
N SER A 31 54.09 20.07 5.01
CA SER A 31 53.51 21.38 4.72
C SER A 31 52.10 21.22 4.18
N THR A 32 51.17 22.01 4.72
CA THR A 32 49.77 21.92 4.31
C THR A 32 49.58 22.67 3.00
N SER A 33 49.12 21.95 1.98
CA SER A 33 48.86 22.55 0.67
C SER A 33 47.44 23.11 0.65
N LYS A 34 46.96 23.48 -0.53
CA LYS A 34 45.61 24.01 -0.68
C LYS A 34 45.15 23.76 -2.11
N HIS A 35 44.02 23.09 -2.26
CA HIS A 35 43.48 22.76 -3.57
C HIS A 35 42.00 23.09 -3.62
N GLU A 36 41.50 23.38 -4.81
CA GLU A 36 40.09 23.60 -5.05
C GLU A 36 39.47 22.34 -5.63
N PHE A 37 38.25 22.04 -5.18
CA PHE A 37 37.57 20.84 -5.65
C PHE A 37 37.36 20.89 -7.16
N GLN A 38 37.63 19.78 -7.83
CA GLN A 38 37.42 19.64 -9.25
C GLN A 38 36.20 18.76 -9.49
N ALA A 39 35.85 18.61 -10.77
CA ALA A 39 34.72 17.76 -11.14
C ALA A 39 34.83 17.42 -12.61
N GLU A 40 35.01 16.15 -12.94
CA GLU A 40 35.06 15.72 -14.33
C GLU A 40 33.65 15.70 -14.89
N THR A 41 33.41 16.50 -15.94
CA THR A 41 32.06 16.70 -16.46
C THR A 41 31.56 15.53 -17.28
N LYS A 42 32.45 14.67 -17.78
CA LYS A 42 32.00 13.50 -18.53
C LYS A 42 31.14 12.60 -17.66
N LYS A 43 31.63 12.26 -16.47
CA LYS A 43 30.85 11.41 -15.58
C LYS A 43 29.63 12.13 -15.04
N LEU A 44 29.70 13.44 -14.86
CA LEU A 44 28.52 14.17 -14.42
C LEU A 44 27.42 14.13 -15.48
N LEU A 45 27.77 14.34 -16.75
CA LEU A 45 26.81 14.19 -17.83
C LEU A 45 26.27 12.77 -17.89
N ASP A 46 27.14 11.78 -17.69
CA ASP A 46 26.70 10.39 -17.69
C ASP A 46 25.68 10.14 -16.58
N ILE A 47 25.96 10.65 -15.39
CA ILE A 47 25.07 10.47 -14.24
C ILE A 47 23.72 11.12 -14.50
N VAL A 48 23.74 12.34 -15.02
CA VAL A 48 22.48 13.04 -15.30
C VAL A 48 21.71 12.32 -16.41
N ALA A 49 22.43 11.77 -17.40
CA ALA A 49 21.76 11.18 -18.55
C ALA A 49 21.17 9.81 -18.25
N ARG A 50 21.81 9.00 -17.40
CA ARG A 50 21.29 7.65 -17.17
C ARG A 50 20.86 7.40 -15.74
N SER A 51 21.67 7.78 -14.76
CA SER A 51 21.45 7.40 -13.37
C SER A 51 20.95 8.56 -12.51
N LEU A 52 20.10 9.41 -13.08
CA LEU A 52 19.48 10.48 -12.30
C LEU A 52 17.96 10.38 -12.28
N TYR A 53 17.32 10.29 -13.45
CA TYR A 53 15.87 10.30 -13.55
C TYR A 53 15.36 8.90 -13.88
N SER A 54 14.42 8.41 -13.07
CA SER A 54 13.82 7.11 -13.33
C SER A 54 12.99 7.13 -14.61
N GLU A 55 12.24 8.20 -14.84
CA GLU A 55 11.39 8.31 -16.01
C GLU A 55 12.14 9.03 -17.13
N LYS A 56 12.03 8.47 -18.34
CA LYS A 56 12.71 9.04 -19.50
C LYS A 56 12.00 10.26 -20.05
N GLU A 57 10.73 10.47 -19.69
CA GLU A 57 9.92 11.52 -20.28
C GLU A 57 9.99 12.85 -19.53
N VAL A 58 10.68 12.91 -18.39
CA VAL A 58 10.66 14.11 -17.58
C VAL A 58 11.38 15.27 -18.23
N PHE A 59 12.22 15.01 -19.24
CA PHE A 59 13.12 16.05 -19.76
C PHE A 59 12.34 17.25 -20.29
N ILE A 60 11.29 17.00 -21.09
CA ILE A 60 10.48 18.11 -21.59
C ILE A 60 9.93 18.93 -20.44
N ARG A 61 9.46 18.24 -19.38
CA ARG A 61 9.01 18.97 -18.20
C ARG A 61 10.09 19.92 -17.73
N GLU A 62 11.31 19.41 -17.53
CA GLU A 62 12.42 20.28 -17.18
C GLU A 62 12.55 21.41 -18.18
N LEU A 63 12.58 21.07 -19.46
CA LEU A 63 12.66 22.09 -20.50
C LEU A 63 11.53 23.09 -20.34
N ILE A 64 10.29 22.59 -20.17
CA ILE A 64 9.15 23.48 -19.99
C ILE A 64 9.38 24.38 -18.79
N SER A 65 9.84 23.79 -17.67
CA SER A 65 10.17 24.58 -16.51
C SER A 65 11.15 25.67 -16.87
N ASN A 66 12.24 25.29 -17.56
CA ASN A 66 13.20 26.29 -18.01
C ASN A 66 12.51 27.38 -18.80
N ALA A 67 11.70 26.98 -19.79
CA ALA A 67 10.96 27.96 -20.57
C ALA A 67 10.16 28.88 -19.67
N SER A 68 9.39 28.28 -18.76
CA SER A 68 8.61 29.09 -17.83
C SER A 68 9.52 30.07 -17.10
N ASP A 69 10.62 29.57 -16.54
CA ASP A 69 11.56 30.44 -15.84
C ASP A 69 11.96 31.60 -16.73
N ALA A 70 12.38 31.28 -17.97
CA ALA A 70 12.79 32.33 -18.89
C ALA A 70 11.69 33.37 -19.02
N LEU A 71 10.47 32.92 -19.32
CA LEU A 71 9.36 33.86 -19.46
C LEU A 71 9.19 34.68 -18.20
N GLU A 72 9.21 34.00 -17.04
CA GLU A 72 9.09 34.70 -15.77
C GLU A 72 10.14 35.79 -15.67
N LYS A 73 11.40 35.43 -15.96
CA LYS A 73 12.47 36.41 -15.91
C LYS A 73 12.14 37.61 -16.78
N LEU A 74 11.73 37.35 -18.02
CA LEU A 74 11.39 38.45 -18.92
C LEU A 74 10.32 39.33 -18.30
N ARG A 75 9.29 38.71 -17.73
CA ARG A 75 8.23 39.48 -17.09
C ARG A 75 8.82 40.40 -16.03
N HIS A 76 9.67 39.86 -15.17
CA HIS A 76 10.27 40.68 -14.12
C HIS A 76 11.07 41.82 -14.73
N LYS A 77 11.79 41.54 -15.81
CA LYS A 77 12.54 42.60 -16.48
C LYS A 77 11.61 43.71 -16.93
N LEU A 78 10.46 43.35 -17.50
CA LEU A 78 9.49 44.37 -17.89
C LEU A 78 8.92 45.07 -16.65
N VAL A 79 8.77 44.34 -15.54
CA VAL A 79 8.41 45.00 -14.29
C VAL A 79 9.48 46.00 -13.89
N SER A 80 10.75 45.66 -14.13
CA SER A 80 11.83 46.62 -13.90
C SER A 80 11.81 47.76 -14.89
N ASP A 81 11.19 47.58 -16.06
CA ASP A 81 11.15 48.61 -17.08
C ASP A 81 9.80 49.31 -17.17
N GLY A 82 8.72 48.66 -16.76
CA GLY A 82 7.41 49.26 -16.86
C GLY A 82 6.97 49.53 -18.28
N GLN A 83 7.29 48.63 -19.21
CA GLN A 83 6.95 48.77 -20.60
C GLN A 83 5.82 47.79 -20.96
N ALA A 84 5.40 47.83 -22.22
CA ALA A 84 4.32 46.97 -22.67
C ALA A 84 4.72 45.51 -22.57
N LEU A 85 3.72 44.67 -22.28
CA LEU A 85 3.94 43.24 -22.11
C LEU A 85 3.65 42.54 -23.43
N PRO A 86 4.65 42.02 -24.13
CA PRO A 86 4.39 41.32 -25.38
C PRO A 86 3.89 39.91 -25.12
N GLU A 87 3.47 39.26 -26.20
CA GLU A 87 3.00 37.88 -26.09
C GLU A 87 4.16 36.97 -25.75
N MET A 88 3.98 36.15 -24.71
CA MET A 88 4.98 35.19 -24.27
C MET A 88 4.29 33.87 -24.01
N GLU A 89 4.84 32.80 -24.59
CA GLU A 89 4.20 31.49 -24.52
C GLU A 89 5.23 30.43 -24.90
N ILE A 90 4.92 29.19 -24.53
CA ILE A 90 5.78 28.05 -24.80
C ILE A 90 5.16 27.25 -25.93
N HIS A 91 5.92 27.04 -27.00
CA HIS A 91 5.48 26.29 -28.16
C HIS A 91 6.25 24.99 -28.24
N LEU A 92 5.54 23.88 -28.45
CA LEU A 92 6.15 22.57 -28.61
C LEU A 92 5.82 22.05 -30.00
N GLN A 93 6.85 21.65 -30.73
CA GLN A 93 6.71 21.12 -32.08
C GLN A 93 7.26 19.71 -32.12
N THR A 94 6.54 18.81 -32.80
CA THR A 94 6.92 17.41 -32.91
C THR A 94 7.00 17.04 -34.37
N ASN A 95 8.15 16.55 -34.81
CA ASN A 95 8.36 16.14 -36.19
C ASN A 95 8.72 14.66 -36.20
N ALA A 96 7.73 13.82 -36.52
CA ALA A 96 7.98 12.38 -36.61
C ALA A 96 8.81 12.03 -37.83
N GLU A 97 8.65 12.77 -38.93
CA GLU A 97 9.44 12.52 -40.12
C GLU A 97 10.92 12.76 -39.84
N LYS A 98 11.25 13.86 -39.15
CA LYS A 98 12.62 14.14 -38.77
C LYS A 98 12.99 13.57 -37.41
N GLY A 99 12.02 13.05 -36.66
CA GLY A 99 12.29 12.47 -35.36
C GLY A 99 12.86 13.47 -34.38
N THR A 100 12.25 14.66 -34.29
CA THR A 100 12.78 15.72 -33.46
C THR A 100 11.66 16.36 -32.65
N ILE A 101 12.04 16.96 -31.52
CA ILE A 101 11.11 17.70 -30.67
C ILE A 101 11.72 19.07 -30.38
N THR A 102 10.91 20.11 -30.53
CA THR A 102 11.36 21.49 -30.38
C THR A 102 10.52 22.17 -29.31
N ILE A 103 11.19 22.90 -28.42
CA ILE A 103 10.52 23.74 -27.43
C ILE A 103 11.03 25.16 -27.58
N GLN A 104 10.13 26.10 -27.86
CA GLN A 104 10.47 27.49 -28.08
C GLN A 104 9.76 28.35 -27.06
N ASP A 105 10.51 29.22 -26.39
CA ASP A 105 9.97 30.16 -25.43
C ASP A 105 10.41 31.56 -25.81
N THR A 106 9.57 32.53 -25.47
CA THR A 106 9.83 33.94 -25.76
C THR A 106 10.32 34.68 -24.52
N GLY A 107 11.14 34.00 -23.72
CA GLY A 107 11.62 34.55 -22.46
C GLY A 107 12.73 35.55 -22.64
N ILE A 108 13.59 35.64 -21.62
CA ILE A 108 14.69 36.61 -21.65
C ILE A 108 15.65 36.29 -22.79
N GLY A 109 15.98 35.02 -22.98
CA GLY A 109 17.02 34.64 -23.89
C GLY A 109 18.39 34.76 -23.25
N MET A 110 19.38 34.17 -23.90
CA MET A 110 20.72 34.12 -23.36
C MET A 110 21.73 34.58 -24.40
N THR A 111 22.69 35.38 -23.97
CA THR A 111 23.79 35.80 -24.82
C THR A 111 24.82 34.69 -24.91
N GLN A 112 25.87 34.91 -25.71
CA GLN A 112 26.93 33.91 -25.83
C GLN A 112 27.62 33.69 -24.48
N GLU A 113 27.91 34.78 -23.76
CA GLU A 113 28.49 34.64 -22.43
C GLU A 113 27.52 33.93 -21.50
N GLU A 114 26.23 34.29 -21.55
CA GLU A 114 25.24 33.62 -20.72
C GLU A 114 25.08 32.16 -21.11
N LEU A 115 25.09 31.87 -22.42
CA LEU A 115 25.01 30.49 -22.86
C LEU A 115 26.16 29.66 -22.33
N VAL A 116 27.38 30.19 -22.43
CA VAL A 116 28.55 29.46 -21.94
C VAL A 116 28.48 29.28 -20.43
N SER A 117 28.09 30.35 -19.71
CA SER A 117 28.07 30.28 -18.25
C SER A 117 27.02 29.32 -17.73
N ASN A 118 25.83 29.31 -18.33
CA ASN A 118 24.74 28.50 -17.82
C ASN A 118 24.71 27.10 -18.43
N LEU A 119 24.61 27.02 -19.77
CA LEU A 119 24.48 25.73 -20.42
C LEU A 119 25.74 24.89 -20.25
N GLY A 120 26.90 25.52 -20.33
CA GLY A 120 28.17 24.81 -20.30
C GLY A 120 28.69 24.44 -18.93
N THR A 121 28.01 24.83 -17.85
CA THR A 121 28.46 24.54 -16.50
C THR A 121 27.42 23.68 -15.79
N ILE A 122 27.87 22.56 -15.23
CA ILE A 122 26.97 21.70 -14.48
C ILE A 122 26.69 22.32 -13.12
N ALA A 123 25.44 22.21 -12.68
CA ALA A 123 24.96 22.74 -11.40
C ALA A 123 25.04 24.25 -11.32
N ARG A 124 25.24 24.93 -12.44
CA ARG A 124 25.18 26.39 -12.49
C ARG A 124 23.86 26.80 -13.11
N SER A 125 23.05 27.52 -12.36
CA SER A 125 21.72 27.94 -12.78
C SER A 125 21.64 29.45 -12.75
N GLY A 126 21.20 30.04 -13.87
CA GLY A 126 20.95 31.47 -13.89
C GLY A 126 19.72 31.89 -13.12
N SER A 127 18.81 30.96 -12.85
CA SER A 127 17.61 31.28 -12.08
C SER A 127 17.96 31.69 -10.66
N LYS A 128 18.89 30.98 -10.03
CA LYS A 128 19.30 31.34 -8.67
C LYS A 128 19.99 32.70 -8.66
N ALA A 129 20.85 32.96 -9.63
CA ALA A 129 21.51 34.27 -9.71
C ALA A 129 20.50 35.38 -9.92
N PHE A 130 19.48 35.14 -10.75
CA PHE A 130 18.41 36.11 -10.93
C PHE A 130 17.65 36.33 -9.63
N LEU A 131 17.40 35.25 -8.87
CA LEU A 131 16.70 35.37 -7.61
C LEU A 131 17.50 36.18 -6.59
N ASP A 132 18.83 36.02 -6.59
CA ASP A 132 19.66 36.78 -5.67
C ASP A 132 19.60 38.28 -5.95
N ALA A 133 19.22 38.67 -7.17
CA ALA A 133 19.05 40.07 -7.51
C ALA A 133 17.61 40.55 -7.34
N LEU A 134 16.72 39.69 -6.84
CA LEU A 134 15.34 40.09 -6.64
C LEU A 134 15.18 41.00 -5.43
N GLN A 135 15.87 40.67 -4.33
CA GLN A 135 15.88 41.43 -3.08
C GLN A 135 14.51 41.56 -2.44
N ASN A 136 13.50 40.82 -2.92
CA ASN A 136 12.19 40.83 -2.29
C ASN A 136 11.70 39.41 -2.06
N GLN A 137 12.14 38.48 -2.92
CA GLN A 137 11.82 37.06 -2.81
C GLN A 137 10.32 36.79 -2.83
N ALA A 138 9.52 37.71 -3.37
CA ALA A 138 8.08 37.51 -3.44
C ALA A 138 7.55 37.81 -4.83
N GLU A 139 8.25 38.69 -5.55
CA GLU A 139 7.81 39.06 -6.90
C GLU A 139 7.91 37.88 -7.85
N ALA A 140 9.02 37.15 -7.82
CA ALA A 140 9.23 36.03 -8.73
C ALA A 140 9.80 34.78 -8.07
N SER A 141 10.25 34.84 -6.82
CA SER A 141 10.82 33.65 -6.19
C SER A 141 9.79 32.55 -6.01
N SER A 142 8.51 32.92 -5.91
CA SER A 142 7.45 31.92 -5.79
C SER A 142 7.13 31.25 -7.12
N LYS A 143 7.66 31.75 -8.24
CA LYS A 143 7.38 31.19 -9.55
C LYS A 143 8.61 30.66 -10.27
N ILE A 144 9.81 30.96 -9.79
CA ILE A 144 11.03 30.42 -10.40
C ILE A 144 11.20 28.98 -9.96
N ILE A 145 11.33 28.08 -10.92
CA ILE A 145 11.40 26.65 -10.61
C ILE A 145 12.83 26.17 -10.50
N GLY A 146 13.72 26.63 -11.38
CA GLY A 146 15.10 26.17 -11.39
C GLY A 146 15.86 26.46 -10.12
N GLN A 147 16.43 25.42 -9.52
CA GLN A 147 17.19 25.56 -8.29
C GLN A 147 18.49 24.76 -8.25
N PHE A 148 18.70 23.80 -9.15
CA PHE A 148 19.88 22.95 -9.11
C PHE A 148 20.90 23.31 -10.18
N GLY A 149 20.49 23.37 -11.44
CA GLY A 149 21.38 23.63 -12.54
C GLY A 149 21.66 22.44 -13.44
N VAL A 150 20.93 21.34 -13.29
CA VAL A 150 21.11 20.15 -14.10
C VAL A 150 19.87 19.80 -14.89
N GLY A 151 18.86 20.68 -14.90
CA GLY A 151 17.61 20.36 -15.57
C GLY A 151 17.75 20.24 -17.07
N PHE A 152 18.57 21.10 -17.67
CA PHE A 152 18.72 21.08 -19.13
C PHE A 152 19.33 19.77 -19.60
N TYR A 153 20.31 19.24 -18.86
CA TYR A 153 21.03 18.05 -19.29
C TYR A 153 20.16 16.79 -19.25
N SER A 154 19.00 16.84 -18.60
CA SER A 154 18.04 15.76 -18.74
C SER A 154 17.61 15.57 -20.19
N ALA A 155 17.70 16.64 -20.99
CA ALA A 155 17.43 16.54 -22.41
C ALA A 155 18.35 15.54 -23.10
N PHE A 156 19.52 15.26 -22.51
CA PHE A 156 20.44 14.29 -23.08
C PHE A 156 20.06 12.85 -22.80
N MET A 157 19.05 12.61 -21.95
CA MET A 157 18.59 11.24 -21.77
C MET A 157 17.96 10.68 -23.05
N VAL A 158 17.45 11.56 -23.91
CA VAL A 158 16.74 11.14 -25.12
C VAL A 158 17.39 11.64 -26.39
N ALA A 159 18.33 12.57 -26.32
CA ALA A 159 18.83 13.28 -27.48
C ALA A 159 20.22 12.80 -27.87
N ASP A 160 20.39 12.45 -29.14
CA ASP A 160 21.73 12.26 -29.68
C ASP A 160 22.39 13.58 -30.08
N ARG A 161 21.60 14.65 -30.22
CA ARG A 161 22.13 15.99 -30.40
C ARG A 161 21.09 17.01 -30.01
N VAL A 162 21.57 18.14 -29.50
CA VAL A 162 20.72 19.22 -29.01
C VAL A 162 21.23 20.53 -29.62
N GLU A 163 20.31 21.30 -30.20
CA GLU A 163 20.58 22.64 -30.69
C GLU A 163 19.83 23.64 -29.83
N VAL A 164 20.46 24.78 -29.56
CA VAL A 164 19.83 25.86 -28.80
C VAL A 164 20.06 27.15 -29.58
N TYR A 165 18.99 27.73 -30.11
CA TYR A 165 19.04 29.03 -30.77
C TYR A 165 18.48 30.06 -29.81
N SER A 166 19.36 30.87 -29.24
CA SER A 166 18.99 31.79 -28.17
C SER A 166 19.35 33.21 -28.57
N ARG A 167 18.37 34.11 -28.45
CA ARG A 167 18.58 35.54 -28.64
C ARG A 167 18.06 36.26 -27.40
N SER A 168 18.92 37.07 -26.78
CA SER A 168 18.55 37.74 -25.56
C SER A 168 17.53 38.84 -25.82
N ALA A 169 16.75 39.16 -24.78
CA ALA A 169 15.73 40.20 -24.89
C ALA A 169 16.33 41.60 -24.92
N ALA A 170 17.62 41.73 -24.68
CA ALA A 170 18.25 43.04 -24.69
C ALA A 170 18.14 43.66 -26.09
N PRO A 171 17.94 44.97 -26.20
CA PRO A 171 17.76 45.58 -27.52
C PRO A 171 19.06 45.72 -28.28
N GLY A 172 19.47 44.65 -28.96
CA GLY A 172 20.70 44.69 -29.74
C GLY A 172 21.48 43.39 -29.68
N SER A 173 21.00 42.42 -28.90
CA SER A 173 21.66 41.13 -28.84
C SER A 173 21.40 40.33 -30.11
N LEU A 174 22.43 39.59 -30.54
CA LEU A 174 22.34 38.76 -31.73
C LEU A 174 22.06 37.31 -31.35
N GLY A 175 21.45 36.59 -32.29
CA GLY A 175 21.15 35.19 -32.05
C GLY A 175 22.41 34.35 -31.98
N TYR A 176 22.33 33.28 -31.20
CA TYR A 176 23.45 32.37 -31.01
C TYR A 176 22.98 30.93 -31.12
N GLN A 177 23.79 30.10 -31.76
CA GLN A 177 23.50 28.67 -31.92
C GLN A 177 24.43 27.87 -31.01
N TRP A 178 23.87 26.84 -30.37
CA TRP A 178 24.56 26.08 -29.33
C TRP A 178 24.34 24.60 -29.61
N LEU A 179 25.37 23.93 -30.13
CA LEU A 179 25.30 22.50 -30.43
C LEU A 179 25.95 21.69 -29.32
N SER A 180 25.33 20.56 -28.98
CA SER A 180 25.94 19.63 -28.04
C SER A 180 25.43 18.23 -28.30
N ASP A 181 26.36 17.29 -28.43
CA ASP A 181 26.02 15.87 -28.56
C ASP A 181 26.07 15.13 -27.24
N GLY A 182 26.34 15.82 -26.13
CA GLY A 182 26.28 15.22 -24.82
C GLY A 182 27.47 14.38 -24.42
N SER A 183 28.63 14.58 -25.05
CA SER A 183 29.83 13.84 -24.71
C SER A 183 30.87 14.71 -24.01
N GLY A 184 30.41 15.72 -23.27
CA GLY A 184 31.31 16.58 -22.53
C GLY A 184 31.90 17.73 -23.30
N VAL A 185 31.58 17.86 -24.59
CA VAL A 185 32.07 18.95 -25.42
C VAL A 185 30.89 19.55 -26.17
N PHE A 186 30.82 20.88 -26.19
CA PHE A 186 29.77 21.60 -26.89
C PHE A 186 30.38 22.74 -27.67
N GLU A 187 29.69 23.16 -28.73
CA GLU A 187 30.17 24.23 -29.59
C GLU A 187 29.13 25.33 -29.67
N ILE A 188 29.59 26.55 -29.94
CA ILE A 188 28.72 27.71 -30.06
C ILE A 188 29.11 28.46 -31.33
N ALA A 189 28.14 29.21 -31.87
CA ALA A 189 28.35 29.95 -33.10
C ALA A 189 27.36 31.09 -33.17
N GLU A 190 27.61 32.02 -34.08
CA GLU A 190 26.69 33.12 -34.32
C GLU A 190 25.57 32.66 -35.25
N ALA A 191 24.34 32.85 -34.82
CA ALA A 191 23.16 32.41 -35.57
C ALA A 191 22.33 33.61 -35.98
N SER A 192 21.94 33.64 -37.25
CA SER A 192 21.12 34.72 -37.79
C SER A 192 19.69 34.25 -38.01
N GLY A 193 18.75 35.17 -37.87
CA GLY A 193 17.34 34.85 -38.00
C GLY A 193 16.68 34.30 -36.76
N VAL A 194 17.40 34.18 -35.65
CA VAL A 194 16.83 33.68 -34.41
C VAL A 194 15.97 34.76 -33.79
N ARG A 195 14.71 34.42 -33.50
CA ARG A 195 13.83 35.37 -32.83
C ARG A 195 14.16 35.43 -31.34
N THR A 196 13.64 36.47 -30.70
CA THR A 196 13.91 36.68 -29.28
C THR A 196 13.40 35.51 -28.46
N GLY A 197 14.23 35.02 -27.54
CA GLY A 197 13.89 33.90 -26.69
C GLY A 197 14.88 32.76 -26.85
N THR A 198 14.36 31.54 -26.72
CA THR A 198 15.18 30.33 -26.81
C THR A 198 14.42 29.23 -27.50
N LYS A 199 15.03 28.63 -28.51
CA LYS A 199 14.45 27.53 -29.27
C LYS A 199 15.37 26.33 -29.15
N ILE A 200 14.90 25.27 -28.48
CA ILE A 200 15.69 24.07 -28.24
C ILE A 200 15.19 22.98 -29.16
N ILE A 201 16.07 22.53 -30.06
CA ILE A 201 15.83 21.40 -30.94
C ILE A 201 16.49 20.18 -30.31
N ILE A 202 15.76 19.07 -30.25
CA ILE A 202 16.28 17.82 -29.72
C ILE A 202 16.08 16.74 -30.77
N HIS A 203 17.16 16.09 -31.19
CA HIS A 203 17.08 14.98 -32.13
C HIS A 203 17.05 13.70 -31.31
N LEU A 204 15.93 12.98 -31.37
CA LEU A 204 15.69 11.88 -30.47
C LEU A 204 16.64 10.72 -30.74
N LYS A 205 16.90 9.93 -29.69
CA LYS A 205 17.71 8.74 -29.84
C LYS A 205 16.96 7.68 -30.65
N SER A 206 17.69 6.67 -31.09
CA SER A 206 17.09 5.59 -31.87
C SER A 206 16.03 4.84 -31.06
N ASP A 207 16.31 4.58 -29.79
CA ASP A 207 15.41 3.82 -28.93
C ASP A 207 14.44 4.71 -28.16
N CYS A 208 14.51 6.02 -28.32
CA CYS A 208 13.64 6.95 -27.62
C CYS A 208 12.83 7.79 -28.61
N LYS A 209 12.34 7.17 -29.67
CA LYS A 209 11.57 7.88 -30.68
C LYS A 209 10.11 8.07 -30.30
N GLU A 210 9.66 7.48 -29.19
CA GLU A 210 8.27 7.64 -28.77
C GLU A 210 7.95 9.08 -28.40
N PHE A 211 8.97 9.91 -28.15
CA PHE A 211 8.76 11.32 -27.89
C PHE A 211 8.63 12.13 -29.17
N SER A 212 8.76 11.50 -30.33
CA SER A 212 8.48 12.14 -31.61
C SER A 212 7.04 11.92 -32.06
N SER A 213 6.14 11.66 -31.12
CA SER A 213 4.72 11.51 -31.39
C SER A 213 3.93 12.51 -30.57
N GLU A 214 2.92 13.12 -31.18
CA GLU A 214 2.16 14.18 -30.52
C GLU A 214 1.42 13.64 -29.31
N ALA A 215 0.89 12.42 -29.39
CA ALA A 215 0.09 11.87 -28.29
C ALA A 215 0.93 11.71 -27.02
N ARG A 216 2.13 11.14 -27.15
CA ARG A 216 2.98 10.92 -25.98
C ARG A 216 3.42 12.23 -25.37
N VAL A 217 3.82 13.20 -26.21
CA VAL A 217 4.26 14.50 -25.70
C VAL A 217 3.11 15.19 -24.99
N ARG A 218 1.91 15.15 -25.57
CA ARG A 218 0.75 15.76 -24.93
C ARG A 218 0.44 15.10 -23.60
N ASP A 219 0.51 13.76 -23.54
CA ASP A 219 0.25 13.06 -22.29
C ASP A 219 1.26 13.47 -21.22
N VAL A 220 2.55 13.54 -21.58
CA VAL A 220 3.57 13.89 -20.59
C VAL A 220 3.39 15.35 -20.15
N VAL A 221 3.08 16.24 -21.08
CA VAL A 221 2.90 17.65 -20.74
C VAL A 221 1.71 17.81 -19.79
N THR A 222 0.60 17.15 -20.08
CA THR A 222 -0.56 17.24 -19.21
C THR A 222 -0.30 16.57 -17.86
N LYS A 223 0.56 15.55 -17.84
CA LYS A 223 0.83 14.86 -16.58
C LYS A 223 1.73 15.69 -15.67
N TYR A 224 2.77 16.33 -16.23
CA TYR A 224 3.80 16.97 -15.43
C TYR A 224 3.59 18.48 -15.31
N SER A 225 3.56 19.19 -16.43
CA SER A 225 3.55 20.65 -16.39
C SER A 225 2.35 21.25 -17.11
N ASN A 226 1.15 20.71 -16.84
CA ASN A 226 -0.05 21.24 -17.46
C ASN A 226 -0.39 22.62 -16.91
N PHE A 227 -0.09 22.87 -15.63
CA PHE A 227 -0.47 24.11 -14.97
C PHE A 227 0.65 25.14 -14.98
N VAL A 228 1.44 25.17 -16.04
CA VAL A 228 2.49 26.18 -16.17
C VAL A 228 1.84 27.56 -16.23
N SER A 229 2.52 28.55 -15.63
CA SER A 229 1.93 29.88 -15.48
C SER A 229 1.69 30.58 -16.81
N PHE A 230 2.29 30.10 -17.89
CA PHE A 230 2.22 30.75 -19.19
C PHE A 230 1.55 29.83 -20.20
N PRO A 231 0.97 30.39 -21.28
CA PRO A 231 0.34 29.55 -22.29
C PRO A 231 1.32 28.57 -22.90
N LEU A 232 0.86 27.34 -23.12
CA LEU A 232 1.69 26.27 -23.66
C LEU A 232 1.01 25.71 -24.90
N TYR A 233 1.76 25.58 -25.98
CA TYR A 233 1.23 25.09 -27.24
C TYR A 233 2.05 23.90 -27.70
N LEU A 234 1.39 22.82 -28.10
CA LEU A 234 2.03 21.68 -28.72
C LEU A 234 1.47 21.50 -30.12
N ASN A 235 2.34 21.59 -31.12
CA ASN A 235 1.96 21.49 -32.53
C ASN A 235 0.96 22.56 -32.95
N GLY A 236 0.86 23.65 -32.18
CA GLY A 236 -0.02 24.74 -32.54
C GLY A 236 -1.20 24.92 -31.60
N ARG A 237 -1.75 23.83 -31.09
CA ARG A 237 -2.93 23.87 -30.23
C ARG A 237 -2.53 24.03 -28.78
N ARG A 238 -3.33 24.81 -28.04
CA ARG A 238 -3.08 25.05 -26.62
C ARG A 238 -3.90 24.07 -25.79
N MET A 239 -3.24 23.45 -24.80
CA MET A 239 -3.90 22.48 -23.94
C MET A 239 -3.92 22.89 -22.48
N ASN A 240 -3.59 24.14 -22.15
CA ASN A 240 -3.71 24.57 -20.76
C ASN A 240 -5.18 24.83 -20.43
N THR A 241 -5.76 25.86 -21.04
CA THR A 241 -7.20 26.12 -21.00
C THR A 241 -7.77 26.14 -19.59
N LEU A 242 -6.91 26.19 -18.58
CA LEU A 242 -7.37 26.06 -17.20
C LEU A 242 -6.28 26.63 -16.30
N GLN A 243 -6.57 27.76 -15.64
CA GLN A 243 -5.61 28.37 -14.75
C GLN A 243 -5.53 27.60 -13.44
N ALA A 244 -4.38 27.72 -12.77
CA ALA A 244 -4.19 27.08 -11.48
C ALA A 244 -4.98 27.82 -10.42
N ILE A 245 -6.20 27.34 -10.12
CA ILE A 245 -7.08 28.04 -9.20
C ILE A 245 -6.66 27.91 -7.75
N TRP A 246 -5.68 27.08 -7.44
CA TRP A 246 -5.22 26.94 -6.08
C TRP A 246 -4.27 28.05 -5.65
N MET A 247 -3.86 28.93 -6.56
CA MET A 247 -2.99 30.03 -6.22
C MET A 247 -3.74 31.32 -5.90
N MET A 248 -4.90 31.53 -6.52
CA MET A 248 -5.66 32.74 -6.29
C MET A 248 -6.42 32.65 -4.97
N ASP A 249 -6.95 33.79 -4.53
CA ASP A 249 -7.68 33.86 -3.28
C ASP A 249 -8.99 33.08 -3.38
N PRO A 250 -9.45 32.49 -2.28
CA PRO A 250 -10.73 31.75 -2.33
C PRO A 250 -11.92 32.59 -2.75
N LYS A 251 -11.90 33.89 -2.46
CA LYS A 251 -13.01 34.75 -2.89
C LYS A 251 -13.01 34.96 -4.40
N ASP A 252 -11.83 35.03 -5.02
CA ASP A 252 -11.76 35.25 -6.45
C ASP A 252 -12.24 34.04 -7.24
N VAL A 253 -11.91 32.84 -6.77
CA VAL A 253 -12.26 31.62 -7.50
C VAL A 253 -13.76 31.35 -7.34
N GLY A 254 -14.41 31.03 -8.45
CA GLY A 254 -15.84 30.81 -8.48
C GLY A 254 -16.22 29.34 -8.48
N GLU A 255 -17.53 29.09 -8.35
CA GLU A 255 -18.02 27.73 -8.22
C GLU A 255 -17.90 26.96 -9.54
N TRP A 256 -18.13 27.61 -10.67
CA TRP A 256 -18.07 26.93 -11.96
C TRP A 256 -16.67 26.41 -12.24
N GLN A 257 -15.66 27.27 -12.10
CA GLN A 257 -14.30 26.82 -12.29
C GLN A 257 -13.84 25.92 -11.15
N HIS A 258 -14.44 26.03 -9.97
CA HIS A 258 -14.21 25.02 -8.93
C HIS A 258 -14.62 23.64 -9.42
N GLU A 259 -15.81 23.53 -10.00
CA GLU A 259 -16.28 22.26 -10.53
C GLU A 259 -15.40 21.78 -11.67
N GLU A 260 -15.00 22.69 -12.55
CA GLU A 260 -14.14 22.31 -13.67
C GLU A 260 -12.80 21.76 -13.17
N PHE A 261 -12.19 22.45 -12.20
CA PHE A 261 -10.92 21.99 -11.66
C PHE A 261 -11.07 20.66 -10.94
N TYR A 262 -12.16 20.48 -10.19
CA TYR A 262 -12.38 19.20 -9.53
C TYR A 262 -12.54 18.08 -10.53
N ARG A 263 -13.30 18.33 -11.61
CA ARG A 263 -13.48 17.32 -12.64
C ARG A 263 -12.15 16.98 -13.30
N TYR A 264 -11.29 17.98 -13.50
CA TYR A 264 -9.99 17.72 -14.08
C TYR A 264 -9.12 16.87 -13.16
N VAL A 265 -8.99 17.28 -11.88
CA VAL A 265 -8.05 16.61 -11.00
C VAL A 265 -8.54 15.21 -10.63
N ALA A 266 -9.84 15.05 -10.43
CA ALA A 266 -10.40 13.75 -10.05
C ALA A 266 -10.73 12.89 -11.25
N GLN A 267 -10.63 13.42 -12.47
CA GLN A 267 -11.00 12.70 -13.69
C GLN A 267 -12.44 12.20 -13.61
N ALA A 268 -13.31 13.01 -13.02
CA ALA A 268 -14.71 12.69 -12.84
C ALA A 268 -15.58 13.62 -13.67
N HIS A 269 -16.89 13.43 -13.56
CA HIS A 269 -17.85 14.24 -14.29
C HIS A 269 -18.94 14.82 -13.38
N ASP A 270 -18.80 14.68 -12.06
CA ASP A 270 -19.76 15.18 -11.10
C ASP A 270 -19.26 16.48 -10.49
N LYS A 271 -19.94 16.95 -9.45
CA LYS A 271 -19.58 18.16 -8.75
C LYS A 271 -19.01 17.81 -7.36
N PRO A 272 -18.17 18.67 -6.79
CA PRO A 272 -17.66 18.41 -5.44
C PRO A 272 -18.63 18.91 -4.38
N ARG A 273 -18.99 18.03 -3.44
CA ARG A 273 -19.91 18.43 -2.38
C ARG A 273 -19.24 19.38 -1.39
N TYR A 274 -17.95 19.19 -1.12
CA TYR A 274 -17.21 20.03 -0.20
C TYR A 274 -15.96 20.54 -0.89
N THR A 275 -15.73 21.85 -0.81
CA THR A 275 -14.56 22.48 -1.40
C THR A 275 -13.83 23.25 -0.32
N LEU A 276 -12.55 22.96 -0.13
CA LEU A 276 -11.72 23.62 0.86
C LEU A 276 -10.53 24.26 0.16
N HIS A 277 -10.33 25.55 0.40
CA HIS A 277 -9.21 26.31 -0.15
C HIS A 277 -8.33 26.73 1.02
N TYR A 278 -7.21 26.04 1.21
CA TYR A 278 -6.31 26.28 2.32
C TYR A 278 -5.08 27.03 1.82
N LYS A 279 -4.75 28.14 2.47
CA LYS A 279 -3.62 28.97 2.05
C LYS A 279 -2.96 29.55 3.30
N THR A 280 -1.77 29.06 3.62
CA THR A 280 -1.04 29.55 4.79
C THR A 280 0.42 29.75 4.43
N ASP A 281 1.08 30.61 5.21
CA ASP A 281 2.51 30.88 5.03
C ASP A 281 3.30 30.87 6.32
N ALA A 282 2.68 31.09 7.48
CA ALA A 282 3.45 31.19 8.72
C ALA A 282 4.15 29.90 9.09
N PRO A 283 3.50 28.72 9.14
CA PRO A 283 4.28 27.50 9.41
C PRO A 283 5.09 27.05 8.21
N LEU A 284 4.49 27.07 7.02
CA LEU A 284 5.13 26.72 5.77
C LEU A 284 4.17 27.03 4.65
N ASN A 285 4.72 27.40 3.50
CA ASN A 285 3.92 27.86 2.37
C ASN A 285 3.07 26.70 1.83
N ILE A 286 1.77 26.76 2.08
CA ILE A 286 0.82 25.78 1.59
C ILE A 286 -0.27 26.50 0.82
N ARG A 287 -0.49 26.08 -0.42
CA ARG A 287 -1.63 26.51 -1.24
C ARG A 287 -2.29 25.24 -1.76
N SER A 288 -3.34 24.79 -1.09
CA SER A 288 -3.97 23.53 -1.40
C SER A 288 -5.46 23.72 -1.62
N ILE A 289 -6.02 22.87 -2.48
CA ILE A 289 -7.46 22.80 -2.68
C ILE A 289 -7.88 21.36 -2.57
N PHE A 290 -9.00 21.12 -1.87
CA PHE A 290 -9.50 19.79 -1.60
C PHE A 290 -10.97 19.72 -1.95
N TYR A 291 -11.36 18.59 -2.56
CA TYR A 291 -12.72 18.37 -3.01
C TYR A 291 -13.22 17.03 -2.49
N VAL A 292 -14.48 17.01 -2.07
CA VAL A 292 -15.16 15.78 -1.67
C VAL A 292 -16.20 15.47 -2.74
N PRO A 293 -16.10 14.34 -3.45
CA PRO A 293 -17.01 14.07 -4.55
C PRO A 293 -18.46 13.90 -4.09
N ASP A 294 -19.39 14.27 -4.96
CA ASP A 294 -20.80 14.03 -4.70
C ASP A 294 -21.10 12.54 -4.64
N MET A 295 -20.53 11.76 -5.55
CA MET A 295 -20.84 10.34 -5.64
C MET A 295 -20.23 9.59 -4.46
N LYS A 296 -20.80 8.43 -4.17
CA LYS A 296 -20.27 7.55 -3.14
C LYS A 296 -18.89 7.05 -3.55
N PRO A 297 -18.02 6.76 -2.59
CA PRO A 297 -16.66 6.32 -2.94
C PRO A 297 -16.69 5.03 -3.75
N SER A 298 -15.82 4.96 -4.76
CA SER A 298 -15.72 3.79 -5.60
C SER A 298 -14.91 2.69 -4.89
N MET A 299 -15.03 1.47 -5.41
CA MET A 299 -14.29 0.36 -4.83
C MET A 299 -12.78 0.54 -4.98
N PHE A 300 -12.36 1.23 -6.05
CA PHE A 300 -10.94 1.53 -6.20
C PHE A 300 -10.46 2.53 -5.16
N ASP A 301 -11.33 3.46 -4.75
CA ASP A 301 -10.96 4.46 -3.75
C ASP A 301 -10.68 3.81 -2.40
N VAL A 302 -11.45 2.79 -2.04
CA VAL A 302 -11.30 2.11 -0.76
C VAL A 302 -10.01 1.31 -0.74
N GLY A 307 -1.67 8.10 -5.48
CA GLY A 307 -1.50 9.39 -4.84
C GLY A 307 -2.81 9.99 -4.36
N SER A 308 -3.90 9.24 -4.55
CA SER A 308 -5.24 9.64 -4.14
C SER A 308 -5.71 10.93 -4.81
N SER A 309 -5.10 11.27 -5.95
CA SER A 309 -5.45 12.48 -6.71
C SER A 309 -5.34 13.73 -5.84
N VAL A 310 -4.34 13.74 -4.96
CA VAL A 310 -4.02 14.91 -4.14
C VAL A 310 -2.57 15.25 -4.49
N ALA A 311 -2.22 15.07 -5.76
CA ALA A 311 -0.84 15.17 -6.22
C ALA A 311 -0.19 16.46 -5.77
N LEU A 312 1.03 16.34 -5.23
CA LEU A 312 1.77 17.47 -4.70
C LEU A 312 2.38 18.28 -5.84
N TYR A 313 2.28 19.60 -5.73
CA TYR A 313 2.85 20.52 -6.70
C TYR A 313 3.87 21.42 -6.02
N SER A 314 4.77 21.98 -6.83
CA SER A 314 5.77 22.93 -6.35
C SER A 314 6.12 23.86 -7.48
N ARG A 315 5.84 25.15 -7.31
CA ARG A 315 6.02 26.14 -8.36
C ARG A 315 5.25 25.76 -9.62
N LYS A 316 4.04 25.22 -9.43
CA LYS A 316 3.12 24.89 -10.52
C LYS A 316 3.70 23.81 -11.44
N VAL A 317 4.28 22.78 -10.84
CA VAL A 317 4.71 21.59 -11.59
C VAL A 317 4.58 20.38 -10.67
N LEU A 318 4.20 19.26 -11.25
CA LEU A 318 3.95 18.05 -10.47
C LEU A 318 5.25 17.47 -9.92
N ILE A 319 5.20 17.04 -8.67
CA ILE A 319 6.36 16.37 -8.06
C ILE A 319 6.32 14.87 -8.29
N GLN A 320 5.14 14.26 -8.16
CA GLN A 320 4.93 12.83 -8.41
C GLN A 320 5.83 11.98 -7.51
N THR A 321 5.55 12.08 -6.21
CA THR A 321 6.25 11.23 -5.25
C THR A 321 5.61 9.85 -5.16
N LYS A 322 4.28 9.80 -5.03
CA LYS A 322 3.48 8.58 -5.04
C LYS A 322 3.87 7.59 -3.94
N ALA A 323 4.75 7.98 -3.02
CA ALA A 323 5.18 7.08 -1.96
C ALA A 323 5.07 7.70 -0.57
N THR A 324 5.35 9.00 -0.44
CA THR A 324 5.35 9.63 0.87
C THR A 324 3.95 9.72 1.47
N ASP A 325 2.92 9.82 0.63
CA ASP A 325 1.54 10.01 1.07
C ASP A 325 1.43 11.27 1.93
N ILE A 326 1.64 12.41 1.27
CA ILE A 326 1.60 13.73 1.89
C ILE A 326 0.30 13.93 2.65
N LEU A 327 -0.72 13.16 2.31
CA LEU A 327 -2.00 13.22 2.98
C LEU A 327 -2.33 11.86 3.58
N PRO A 328 -2.85 11.80 4.81
CA PRO A 328 -2.99 10.52 5.50
C PRO A 328 -3.81 9.50 4.72
N LYS A 329 -3.60 8.23 5.08
CA LYS A 329 -4.20 7.13 4.32
C LYS A 329 -5.72 7.19 4.35
N TRP A 330 -6.29 7.47 5.51
CA TRP A 330 -7.76 7.55 5.59
C TRP A 330 -8.29 8.75 4.83
N LEU A 331 -7.50 9.79 4.68
CA LEU A 331 -7.89 10.95 3.89
C LEU A 331 -7.55 10.76 2.42
N ARG A 332 -7.93 9.61 1.87
CA ARG A 332 -7.73 9.31 0.46
C ARG A 332 -9.00 9.45 -0.35
N PHE A 333 -10.13 9.73 0.30
CA PHE A 333 -11.40 9.90 -0.40
C PHE A 333 -11.56 11.29 -0.98
N ILE A 334 -10.71 12.23 -0.60
CA ILE A 334 -10.77 13.58 -1.14
C ILE A 334 -9.78 13.70 -2.28
N ARG A 335 -10.12 14.56 -3.24
CA ARG A 335 -9.28 14.84 -4.39
C ARG A 335 -8.76 16.26 -4.28
N GLY A 336 -7.91 16.65 -5.23
CA GLY A 336 -7.43 18.02 -5.25
C GLY A 336 -5.97 18.16 -5.53
N VAL A 337 -5.34 19.20 -4.97
CA VAL A 337 -3.94 19.48 -5.24
C VAL A 337 -3.35 20.23 -4.04
N VAL A 338 -2.05 20.04 -3.83
CA VAL A 338 -1.30 20.76 -2.80
C VAL A 338 -0.07 21.37 -3.47
N ASP A 339 0.19 22.64 -3.18
CA ASP A 339 1.35 23.35 -3.70
C ASP A 339 2.16 23.90 -2.54
N SER A 340 3.48 23.73 -2.63
CA SER A 340 4.38 24.25 -1.60
C SER A 340 5.69 24.62 -2.27
N GLU A 341 6.08 25.89 -2.13
CA GLU A 341 7.32 26.37 -2.72
C GLU A 341 8.54 26.04 -1.88
N ASP A 342 8.36 25.44 -0.70
CA ASP A 342 9.47 25.17 0.21
C ASP A 342 9.71 23.69 0.46
N ILE A 343 8.98 22.80 -0.19
CA ILE A 343 9.23 21.36 0.00
C ILE A 343 10.59 21.01 -0.59
N PRO A 344 11.42 20.26 0.14
CA PRO A 344 12.71 19.86 -0.42
C PRO A 344 12.53 18.84 -1.53
N LEU A 345 13.46 18.86 -2.48
CA LEU A 345 13.37 18.02 -3.67
C LEU A 345 14.70 17.32 -3.91
N ASN A 346 14.62 16.12 -4.49
CA ASN A 346 15.81 15.42 -4.94
C ASN A 346 16.46 16.17 -6.10
N LEU A 347 17.67 15.74 -6.45
CA LEU A 347 18.28 16.23 -7.67
C LEU A 347 17.46 15.85 -8.89
N SER A 348 16.74 14.74 -8.81
CA SER A 348 15.81 14.30 -9.85
C SER A 348 14.45 14.98 -9.76
N ARG A 349 14.36 16.09 -9.02
CA ARG A 349 13.12 16.84 -8.85
C ARG A 349 12.01 15.97 -8.27
N GLU A 350 12.37 15.09 -7.34
CA GLU A 350 11.43 14.24 -6.64
C GLU A 350 11.49 14.52 -5.15
N LEU A 351 10.41 14.17 -4.46
CA LEU A 351 10.29 14.48 -3.05
C LEU A 351 11.30 13.71 -2.22
N LEU A 352 11.88 14.38 -1.22
CA LEU A 352 12.77 13.72 -0.28
C LEU A 352 11.96 12.85 0.67
N GLN A 353 12.22 11.55 0.64
CA GLN A 353 11.45 10.62 1.45
C GLN A 353 11.75 10.81 2.93
N GLU A 354 10.70 10.75 3.76
CA GLU A 354 10.80 10.86 5.21
C GLU A 354 11.52 12.15 5.62
N SER A 355 10.89 13.28 5.27
CA SER A 355 11.41 14.59 5.60
C SER A 355 10.54 15.24 6.67
N ALA A 356 11.19 16.01 7.54
CA ALA A 356 10.47 16.67 8.63
C ALA A 356 9.44 17.65 8.09
N LEU A 357 9.80 18.40 7.05
CA LEU A 357 8.86 19.35 6.47
C LEU A 357 7.65 18.64 5.90
N ILE A 358 7.85 17.51 5.23
CA ILE A 358 6.73 16.77 4.64
C ILE A 358 5.84 16.20 5.74
N ARG A 359 6.43 15.67 6.81
CA ARG A 359 5.64 15.14 7.91
C ARG A 359 4.83 16.24 8.57
N LYS A 360 5.43 17.41 8.79
CA LYS A 360 4.68 18.52 9.38
C LYS A 360 3.59 19.02 8.44
N LEU A 361 3.85 19.00 7.13
CA LEU A 361 2.80 19.35 6.16
C LEU A 361 1.64 18.37 6.23
N ARG A 362 1.94 17.07 6.34
CA ARG A 362 0.89 16.07 6.44
C ARG A 362 0.07 16.27 7.72
N ASP A 363 0.74 16.53 8.84
CA ASP A 363 0.02 16.76 10.09
C ASP A 363 -0.86 18.01 10.00
N VAL A 364 -0.32 19.09 9.42
CA VAL A 364 -1.09 20.32 9.28
C VAL A 364 -2.30 20.10 8.39
N LEU A 365 -2.12 19.37 7.28
CA LEU A 365 -3.24 19.11 6.38
C LEU A 365 -4.30 18.25 7.05
N GLN A 366 -3.88 17.24 7.81
CA GLN A 366 -4.86 16.41 8.51
C GLN A 366 -5.64 17.21 9.54
N GLN A 367 -4.95 18.04 10.31
CA GLN A 367 -5.64 18.88 11.30
C GLN A 367 -6.59 19.85 10.63
N ARG A 368 -6.16 20.47 9.53
CA ARG A 368 -7.01 21.43 8.83
C ARG A 368 -8.23 20.75 8.25
N LEU A 369 -8.08 19.53 7.70
CA LEU A 369 -9.23 18.84 7.14
C LEU A 369 -10.19 18.39 8.23
N ILE A 370 -9.68 17.98 9.39
CA ILE A 370 -10.55 17.65 10.51
C ILE A 370 -11.33 18.88 10.95
N LYS A 371 -10.66 20.02 11.06
CA LYS A 371 -11.33 21.26 11.42
C LYS A 371 -12.38 21.65 10.38
N PHE A 372 -12.05 21.48 9.10
CA PHE A 372 -12.99 21.81 8.03
C PHE A 372 -14.23 20.92 8.09
N PHE A 373 -14.04 19.63 8.35
CA PHE A 373 -15.19 18.73 8.46
C PHE A 373 -16.03 19.07 9.68
N ILE A 374 -15.39 19.46 10.79
CA ILE A 374 -16.14 19.89 11.97
C ILE A 374 -16.96 21.13 11.64
N ASP A 375 -16.36 22.10 10.96
CA ASP A 375 -17.09 23.32 10.59
C ASP A 375 -18.24 23.01 9.65
N GLN A 376 -18.03 22.10 8.69
CA GLN A 376 -19.11 21.71 7.78
C GLN A 376 -20.24 21.03 8.54
N SER A 377 -19.90 20.20 9.53
CA SER A 377 -20.93 19.59 10.36
C SER A 377 -21.71 20.64 11.12
N LYS A 378 -21.02 21.65 11.65
CA LYS A 378 -21.70 22.71 12.39
C LYS A 378 -22.62 23.51 11.47
N LYS A 379 -22.18 23.80 10.25
CA LYS A 379 -22.92 24.70 9.36
C LYS A 379 -23.95 23.98 8.49
N ASP A 380 -23.97 22.65 8.46
CA ASP A 380 -24.94 21.93 7.65
C ASP A 380 -25.12 20.54 8.26
N ALA A 381 -26.22 20.35 8.99
CA ALA A 381 -26.44 19.07 9.66
C ALA A 381 -26.77 17.96 8.67
N GLU A 382 -27.72 18.22 7.75
CA GLU A 382 -28.19 17.16 6.86
C GLU A 382 -27.17 16.84 5.77
N LYS A 383 -26.50 17.86 5.21
CA LYS A 383 -25.48 17.61 4.20
C LYS A 383 -24.32 16.83 4.80
N TYR A 384 -23.89 17.20 6.01
CA TYR A 384 -22.82 16.45 6.65
C TYR A 384 -23.27 15.05 7.04
N ALA A 385 -24.54 14.87 7.41
CA ALA A 385 -25.04 13.53 7.70
C ALA A 385 -24.97 12.66 6.46
N LYS A 386 -25.39 13.19 5.31
CA LYS A 386 -25.30 12.44 4.07
C LYS A 386 -23.84 12.13 3.73
N PHE A 387 -22.96 13.11 3.91
CA PHE A 387 -21.54 12.90 3.65
C PHE A 387 -20.96 11.81 4.54
N PHE A 388 -21.35 11.79 5.82
CA PHE A 388 -20.89 10.75 6.73
C PHE A 388 -21.42 9.39 6.32
N GLU A 389 -22.68 9.31 5.92
CA GLU A 389 -23.19 8.04 5.37
C GLU A 389 -22.43 7.63 4.13
N ASP A 390 -21.86 8.59 3.40
CA ASP A 390 -21.08 8.28 2.22
C ASP A 390 -19.62 7.95 2.53
N TYR A 391 -19.00 8.66 3.49
CA TYR A 391 -17.57 8.51 3.72
C TYR A 391 -17.24 8.26 5.19
N GLY A 392 -18.17 7.66 5.93
CA GLY A 392 -17.89 7.34 7.33
C GLY A 392 -16.84 6.27 7.50
N LEU A 393 -16.79 5.31 6.57
CA LEU A 393 -15.82 4.22 6.67
C LEU A 393 -14.39 4.74 6.66
N PHE A 394 -14.14 5.82 5.94
CA PHE A 394 -12.79 6.39 5.92
C PHE A 394 -12.40 6.96 7.29
N MET A 395 -13.33 7.63 7.97
CA MET A 395 -13.05 8.12 9.30
C MET A 395 -12.87 6.97 10.29
N ARG A 396 -13.68 5.92 10.16
CA ARG A 396 -13.49 4.76 11.01
C ARG A 396 -12.13 4.12 10.78
N GLU A 397 -11.71 4.03 9.51
CA GLU A 397 -10.39 3.51 9.19
C GLU A 397 -9.29 4.38 9.78
N GLY A 398 -9.46 5.70 9.72
CA GLY A 398 -8.47 6.59 10.31
C GLY A 398 -8.37 6.43 11.82
N ILE A 399 -9.50 6.27 12.49
CA ILE A 399 -9.49 6.04 13.94
C ILE A 399 -8.78 4.72 14.23
N VAL A 400 -9.05 3.68 13.42
CA VAL A 400 -8.42 2.38 13.62
C VAL A 400 -6.90 2.48 13.44
N THR A 401 -6.46 3.21 12.42
CA THR A 401 -5.04 3.32 12.11
C THR A 401 -4.33 4.45 12.85
N ALA A 402 -5.05 5.27 13.60
CA ALA A 402 -4.42 6.39 14.29
C ALA A 402 -3.57 5.89 15.46
N THR A 403 -2.66 6.74 15.89
CA THR A 403 -1.78 6.45 17.02
C THR A 403 -1.92 7.44 18.17
N GLU A 404 -2.00 8.73 17.88
CA GLU A 404 -2.11 9.74 18.92
C GLU A 404 -3.55 9.82 19.41
N GLN A 405 -3.72 9.94 20.74
CA GLN A 405 -5.05 10.02 21.31
C GLN A 405 -5.76 11.30 20.92
N GLU A 406 -5.02 12.41 20.81
CA GLU A 406 -5.63 13.65 20.40
C GLU A 406 -6.13 13.58 18.95
N VAL A 407 -5.35 12.95 18.07
CA VAL A 407 -5.82 12.70 16.71
C VAL A 407 -7.04 11.79 16.74
N LYS A 408 -7.03 10.80 17.63
CA LYS A 408 -8.16 9.89 17.76
C LYS A 408 -9.43 10.64 18.09
N GLU A 409 -9.36 11.53 19.09
CA GLU A 409 -10.54 12.29 19.48
C GLU A 409 -10.95 13.28 18.39
N ASP A 410 -9.97 13.89 17.70
CA ASP A 410 -10.29 14.83 16.63
C ASP A 410 -11.05 14.14 15.51
N ILE A 411 -10.61 12.94 15.12
CA ILE A 411 -11.32 12.21 14.07
C ILE A 411 -12.66 11.71 14.59
N ALA A 412 -12.71 11.29 15.86
CA ALA A 412 -13.96 10.79 16.43
C ALA A 412 -15.02 11.88 16.53
N LYS A 413 -14.59 13.14 16.63
CA LYS A 413 -15.54 14.24 16.59
C LYS A 413 -16.33 14.26 15.29
N LEU A 414 -15.81 13.63 14.23
CA LEU A 414 -16.50 13.54 12.95
C LEU A 414 -17.54 12.43 12.91
N LEU A 415 -17.52 11.51 13.87
CA LEU A 415 -18.45 10.39 13.85
C LEU A 415 -19.85 10.83 14.20
N ARG A 416 -20.84 10.23 13.54
CA ARG A 416 -22.25 10.51 13.79
C ARG A 416 -22.97 9.22 14.12
N TYR A 417 -23.68 9.22 15.25
CA TYR A 417 -24.44 8.06 15.68
C TYR A 417 -25.81 8.52 16.16
N GLU A 418 -26.77 7.60 16.13
CA GLU A 418 -28.09 7.85 16.68
C GLU A 418 -28.27 7.07 17.98
N SER A 419 -28.80 7.73 18.99
CA SER A 419 -28.91 7.16 20.32
C SER A 419 -30.34 6.70 20.60
N SER A 420 -30.50 6.03 21.74
CA SER A 420 -31.81 5.53 22.14
C SER A 420 -32.73 6.62 22.64
N ALA A 421 -32.19 7.74 23.11
CA ALA A 421 -32.99 8.81 23.68
C ALA A 421 -33.55 9.76 22.63
N LEU A 422 -33.27 9.52 21.35
CA LEU A 422 -33.67 10.43 20.30
C LEU A 422 -34.49 9.69 19.24
N PRO A 423 -35.38 10.39 18.53
CA PRO A 423 -36.19 9.73 17.50
C PRO A 423 -35.34 9.20 16.36
N SER A 424 -35.87 8.19 15.69
CA SER A 424 -35.16 7.52 14.61
C SER A 424 -34.90 8.48 13.45
N GLY A 425 -33.74 8.30 12.81
CA GLY A 425 -33.41 9.00 11.59
C GLY A 425 -32.42 10.14 11.74
N GLN A 426 -32.19 10.63 12.96
CA GLN A 426 -31.25 11.72 13.19
C GLN A 426 -30.03 11.20 13.94
N LEU A 427 -28.86 11.71 13.57
CA LEU A 427 -27.59 11.26 14.13
C LEU A 427 -26.92 12.40 14.88
N THR A 428 -26.20 12.04 15.95
CA THR A 428 -25.48 13.00 16.76
C THR A 428 -24.06 12.50 17.02
N SER A 429 -23.17 13.44 17.32
CA SER A 429 -21.79 13.13 17.59
C SER A 429 -21.59 12.73 19.04
N LEU A 430 -20.37 12.30 19.37
CA LEU A 430 -20.06 11.95 20.75
C LEU A 430 -19.99 13.18 21.63
N SER A 431 -19.59 14.33 21.08
CA SER A 431 -19.50 15.55 21.87
C SER A 431 -20.88 15.97 22.40
N GLU A 432 -21.87 16.05 21.52
CA GLU A 432 -23.21 16.38 21.97
C GLU A 432 -23.87 15.24 22.73
N TYR A 433 -23.38 14.01 22.56
CA TYR A 433 -23.84 12.92 23.40
C TYR A 433 -23.39 13.11 24.84
N ALA A 434 -22.12 13.48 25.04
CA ALA A 434 -21.59 13.73 26.37
C ALA A 434 -22.07 15.06 26.94
N SER A 435 -22.52 15.98 26.09
CA SER A 435 -23.07 17.23 26.60
C SER A 435 -24.39 17.02 27.33
N ARG A 436 -25.14 15.98 26.96
CA ARG A 436 -26.46 15.73 27.53
C ARG A 436 -26.48 14.56 28.51
N MET A 437 -25.32 14.00 28.83
CA MET A 437 -25.26 12.89 29.77
C MET A 437 -25.17 13.41 31.20
N ARG A 438 -25.52 12.53 32.15
CA ARG A 438 -25.53 12.91 33.55
C ARG A 438 -24.12 13.20 34.05
N ALA A 439 -24.02 14.15 34.99
CA ALA A 439 -22.73 14.53 35.52
C ALA A 439 -22.06 13.38 36.27
N GLY A 440 -22.83 12.62 37.04
CA GLY A 440 -22.26 11.50 37.76
C GLY A 440 -21.76 10.40 36.85
N THR A 441 -22.45 10.17 35.73
CA THR A 441 -22.03 9.15 34.78
C THR A 441 -20.72 9.55 34.12
N ARG A 442 -19.83 8.56 33.93
CA ARG A 442 -18.50 8.81 33.38
C ARG A 442 -18.14 7.80 32.31
N ASN A 443 -19.12 7.35 31.53
CA ASN A 443 -18.86 6.40 30.45
C ASN A 443 -19.89 6.60 29.35
N ILE A 444 -19.54 6.10 28.16
CA ILE A 444 -20.39 6.18 26.98
C ILE A 444 -20.72 4.76 26.54
N TYR A 445 -22.01 4.46 26.43
CA TYR A 445 -22.48 3.14 26.07
C TYR A 445 -22.86 3.11 24.59
N TYR A 446 -22.42 2.07 23.89
CA TYR A 446 -22.73 1.91 22.48
C TYR A 446 -23.12 0.45 22.21
N LEU A 447 -24.12 0.27 21.37
CA LEU A 447 -24.60 -1.06 20.97
C LEU A 447 -24.57 -1.17 19.46
N CYS A 448 -24.11 -2.30 18.96
CA CYS A 448 -23.98 -2.54 17.53
C CYS A 448 -25.08 -3.47 17.05
N ALA A 449 -25.81 -3.05 16.03
CA ALA A 449 -26.87 -3.83 15.41
C ALA A 449 -27.02 -3.37 13.97
N PRO A 450 -27.40 -4.25 13.05
CA PRO A 450 -27.54 -3.82 11.65
C PRO A 450 -28.54 -2.70 11.45
N ASN A 451 -29.67 -2.73 12.14
CA ASN A 451 -30.71 -1.72 12.04
C ASN A 451 -31.08 -1.22 13.42
N ARG A 452 -31.74 -0.07 13.47
CA ARG A 452 -32.24 0.43 14.74
C ARG A 452 -33.41 -0.39 15.25
N HIS A 453 -34.16 -1.02 14.35
CA HIS A 453 -35.25 -1.90 14.78
C HIS A 453 -34.70 -3.08 15.57
N LEU A 454 -33.60 -3.67 15.12
CA LEU A 454 -32.97 -4.75 15.86
C LEU A 454 -32.28 -4.23 17.12
N ALA A 455 -31.70 -3.03 17.06
CA ALA A 455 -31.02 -2.47 18.23
C ALA A 455 -32.00 -2.22 19.37
N GLU A 456 -33.18 -1.69 19.06
CA GLU A 456 -34.18 -1.45 20.08
C GLU A 456 -34.66 -2.77 20.69
N HIS A 457 -34.83 -3.80 19.86
CA HIS A 457 -35.28 -5.10 20.31
C HIS A 457 -34.13 -6.04 20.65
N SER A 458 -32.90 -5.56 20.63
CA SER A 458 -31.76 -6.40 20.97
C SER A 458 -31.84 -6.81 22.43
N PRO A 459 -31.49 -8.07 22.76
CA PRO A 459 -31.50 -8.49 24.17
C PRO A 459 -30.57 -7.67 25.04
N TYR A 460 -29.46 -7.19 24.49
CA TYR A 460 -28.52 -6.41 25.29
C TYR A 460 -29.08 -5.03 25.63
N TYR A 461 -29.72 -4.37 24.67
CA TYR A 461 -30.34 -3.09 24.96
C TYR A 461 -31.49 -3.24 25.94
N GLU A 462 -32.27 -4.31 25.81
CA GLU A 462 -33.35 -4.57 26.76
C GLU A 462 -32.80 -4.82 28.16
N ALA A 463 -31.56 -5.31 28.27
CA ALA A 463 -30.97 -5.53 29.58
C ALA A 463 -30.70 -4.22 30.30
N MET A 464 -30.30 -3.18 29.56
CA MET A 464 -30.06 -1.88 30.14
C MET A 464 -31.28 -0.97 30.13
N LYS A 465 -32.45 -1.49 29.71
CA LYS A 465 -33.66 -0.70 29.79
C LYS A 465 -34.09 -0.42 31.22
N LYS A 466 -33.51 -1.12 32.21
CA LYS A 466 -33.76 -0.80 33.61
C LYS A 466 -33.26 0.60 33.94
N LYS A 467 -32.07 0.95 33.46
CA LYS A 467 -31.49 2.26 33.70
C LYS A 467 -31.85 3.21 32.57
N ASP A 468 -31.75 4.51 32.86
CA ASP A 468 -32.09 5.56 31.92
C ASP A 468 -30.89 6.08 31.13
N THR A 469 -29.72 5.46 31.28
CA THR A 469 -28.53 5.93 30.61
C THR A 469 -28.69 5.83 29.09
N GLU A 470 -28.30 6.89 28.39
CA GLU A 470 -28.39 6.92 26.95
C GLU A 470 -27.35 6.01 26.33
N VAL A 471 -27.72 5.35 25.23
CA VAL A 471 -26.83 4.44 24.52
C VAL A 471 -26.87 4.78 23.04
N LEU A 472 -25.70 4.87 22.41
CA LEU A 472 -25.60 5.09 20.98
C LEU A 472 -25.82 3.78 20.22
N PHE A 473 -26.28 3.91 18.99
CA PHE A 473 -26.53 2.76 18.12
C PHE A 473 -25.59 2.84 16.92
N CYS A 474 -24.85 1.76 16.67
CA CYS A 474 -23.92 1.67 15.56
C CYS A 474 -24.43 0.63 14.58
N PHE A 475 -24.50 1.02 13.31
CA PHE A 475 -25.05 0.16 12.26
C PHE A 475 -24.00 -0.32 11.28
N GLU A 476 -23.13 0.57 10.81
CA GLU A 476 -22.14 0.19 9.82
C GLU A 476 -21.10 -0.75 10.44
N GLN A 477 -20.44 -1.52 9.58
CA GLN A 477 -19.41 -2.43 10.03
C GLN A 477 -18.20 -1.66 10.55
N PHE A 478 -17.42 -2.32 11.40
CA PHE A 478 -16.20 -1.80 12.01
C PHE A 478 -16.46 -0.63 12.95
N ASP A 479 -17.72 -0.38 13.33
CA ASP A 479 -17.99 0.66 14.31
C ASP A 479 -17.61 0.19 15.71
N GLU A 480 -17.86 -1.08 16.04
CA GLU A 480 -17.44 -1.60 17.33
C GLU A 480 -15.93 -1.53 17.49
N LEU A 481 -15.19 -1.88 16.43
CA LEU A 481 -13.75 -1.76 16.47
C LEU A 481 -13.31 -0.31 16.60
N THR A 482 -14.00 0.60 15.91
CA THR A 482 -13.66 2.02 16.00
C THR A 482 -13.81 2.53 17.43
N LEU A 483 -14.94 2.20 18.06
CA LEU A 483 -15.15 2.62 19.45
C LEU A 483 -14.18 1.92 20.39
N LEU A 484 -13.80 0.68 20.08
CA LEU A 484 -12.83 -0.02 20.92
C LEU A 484 -11.47 0.65 20.87
N HIS A 485 -10.99 0.97 19.67
CA HIS A 485 -9.68 1.61 19.54
C HIS A 485 -9.70 3.01 20.10
N LEU A 486 -10.81 3.74 19.91
CA LEU A 486 -10.96 5.06 20.52
C LEU A 486 -10.76 4.97 22.04
N ARG A 487 -11.60 4.19 22.71
CA ARG A 487 -11.46 3.80 24.11
C ARG A 487 -11.62 4.97 25.07
N GLU A 488 -11.75 6.20 24.58
CA GLU A 488 -11.86 7.37 25.44
C GLU A 488 -12.29 8.56 24.60
N PHE A 489 -13.22 9.35 25.12
CA PHE A 489 -13.65 10.58 24.47
C PHE A 489 -14.00 11.59 25.56
N ASP A 490 -13.32 12.74 25.53
CA ASP A 490 -13.51 13.78 26.55
C ASP A 490 -13.30 13.22 27.94
N LYS A 491 -12.24 12.42 28.11
CA LYS A 491 -11.91 11.77 29.37
C LYS A 491 -13.03 10.88 29.87
N LYS A 492 -13.77 10.27 28.94
CA LYS A 492 -14.84 9.33 29.29
C LYS A 492 -14.59 8.03 28.54
N LYS A 493 -14.57 6.92 29.27
CA LYS A 493 -14.37 5.63 28.66
C LYS A 493 -15.58 5.24 27.81
N LEU A 494 -15.34 4.34 26.85
CA LEU A 494 -16.40 3.80 26.01
C LEU A 494 -16.60 2.34 26.38
N ILE A 495 -17.76 2.03 26.96
CA ILE A 495 -18.09 0.68 27.40
C ILE A 495 -19.26 0.21 26.56
N SER A 496 -19.08 -0.92 25.87
CA SER A 496 -20.17 -1.48 25.08
C SER A 496 -21.26 -2.03 26.00
N VAL A 497 -22.45 -2.19 25.43
CA VAL A 497 -23.58 -2.71 26.19
C VAL A 497 -23.27 -4.12 26.68
N GLU A 498 -22.68 -4.96 25.83
CA GLU A 498 -22.32 -6.31 26.23
C GLU A 498 -21.28 -6.29 27.34
N THR A 499 -20.27 -5.42 27.22
CA THR A 499 -19.26 -5.30 28.26
C THR A 499 -19.87 -4.82 29.57
N ASP A 500 -20.76 -3.84 29.50
CA ASP A 500 -21.43 -3.35 30.71
C ASP A 500 -22.25 -4.45 31.37
N ILE A 501 -22.93 -5.26 30.56
CA ILE A 501 -23.72 -6.35 31.10
C ILE A 501 -22.81 -7.38 31.78
N VAL A 502 -21.71 -7.74 31.13
CA VAL A 502 -20.86 -8.79 31.67
C VAL A 502 -20.11 -8.32 32.92
N VAL A 503 -19.81 -7.02 33.01
CA VAL A 503 -19.13 -6.52 34.22
C VAL A 503 -20.11 -6.21 35.33
N ASP A 504 -21.41 -6.24 35.06
CA ASP A 504 -22.39 -5.94 36.09
C ASP A 504 -22.41 -7.03 37.15
N HIS A 505 -22.62 -6.62 38.40
CA HIS A 505 -22.65 -7.55 39.52
C HIS A 505 -24.00 -7.54 40.22
N CYS A 520 -42.85 -18.72 37.91
CA CYS A 520 -42.21 -18.88 36.61
C CYS A 520 -40.81 -19.47 36.76
N LEU A 521 -40.72 -20.78 36.56
CA LEU A 521 -39.45 -21.53 36.62
C LEU A 521 -38.78 -21.35 37.98
N SER A 522 -39.42 -21.93 39.00
CA SER A 522 -38.93 -21.88 40.37
C SER A 522 -37.50 -22.37 40.47
N GLU A 523 -36.83 -22.06 41.59
CA GLU A 523 -35.39 -22.25 41.70
C GLU A 523 -35.00 -23.71 41.52
N LYS A 524 -35.72 -24.63 42.16
CA LYS A 524 -35.38 -26.05 42.07
C LYS A 524 -35.53 -26.57 40.64
N GLU A 525 -36.68 -26.29 40.01
CA GLU A 525 -36.90 -26.73 38.64
C GLU A 525 -35.93 -26.05 37.68
N THR A 526 -35.63 -24.76 37.91
CA THR A 526 -34.66 -24.06 37.07
C THR A 526 -33.29 -24.72 37.17
N GLU A 527 -32.85 -25.05 38.38
CA GLU A 527 -31.56 -25.71 38.54
C GLU A 527 -31.55 -27.09 37.90
N GLU A 528 -32.65 -27.84 38.04
CA GLU A 528 -32.73 -29.16 37.43
C GLU A 528 -32.64 -29.08 35.91
N LEU A 529 -33.33 -28.10 35.31
CA LEU A 529 -33.23 -27.90 33.87
C LEU A 529 -31.84 -27.44 33.46
N MET A 530 -31.23 -26.58 34.27
CA MET A 530 -29.91 -26.02 33.93
C MET A 530 -28.83 -27.09 34.01
N ALA A 531 -29.00 -28.08 34.88
CA ALA A 531 -28.05 -29.19 34.92
C ALA A 531 -28.05 -29.94 33.59
N TRP A 532 -29.24 -30.22 33.06
CA TRP A 532 -29.34 -30.88 31.76
C TRP A 532 -28.78 -29.99 30.65
N MET A 533 -29.05 -28.68 30.73
CA MET A 533 -28.51 -27.77 29.72
C MET A 533 -26.99 -27.74 29.74
N ARG A 534 -26.40 -27.75 30.93
CA ARG A 534 -24.95 -27.83 31.05
C ARG A 534 -24.44 -29.16 30.49
N ASN A 535 -25.16 -30.25 30.77
CA ASN A 535 -24.75 -31.55 30.24
C ASN A 535 -24.74 -31.55 28.71
N VAL A 536 -25.77 -30.98 28.09
CA VAL A 536 -25.86 -30.99 26.63
C VAL A 536 -25.07 -29.88 25.97
N LEU A 537 -24.61 -28.89 26.73
CA LEU A 537 -23.80 -27.79 26.20
C LEU A 537 -22.52 -27.63 27.00
N GLY A 538 -21.93 -28.74 27.43
CA GLY A 538 -20.69 -28.66 28.18
C GLY A 538 -19.53 -28.16 27.34
N SER A 539 -19.43 -28.62 26.09
CA SER A 539 -18.32 -28.23 25.25
C SER A 539 -18.46 -26.80 24.75
N ARG A 540 -19.67 -26.39 24.40
CA ARG A 540 -19.90 -25.07 23.82
C ARG A 540 -20.09 -24.00 24.90
N VAL A 541 -21.08 -24.18 25.77
CA VAL A 541 -21.38 -23.22 26.82
C VAL A 541 -20.46 -23.53 28.00
N THR A 542 -19.41 -22.73 28.17
CA THR A 542 -18.48 -22.93 29.27
C THR A 542 -19.16 -22.68 30.61
N ASN A 543 -19.98 -21.64 30.70
CA ASN A 543 -20.72 -21.33 31.92
C ASN A 543 -22.12 -20.85 31.54
N VAL A 544 -23.11 -21.30 32.29
CA VAL A 544 -24.50 -20.91 32.06
C VAL A 544 -25.08 -20.39 33.36
N LYS A 545 -25.92 -19.36 33.25
CA LYS A 545 -26.49 -18.70 34.43
C LYS A 545 -27.87 -18.18 34.07
N VAL A 546 -28.56 -17.64 35.06
CA VAL A 546 -29.90 -17.07 34.90
C VAL A 546 -29.80 -15.56 34.98
N THR A 547 -30.39 -14.87 34.01
CA THR A 547 -30.48 -13.42 34.01
C THR A 547 -31.90 -13.00 34.33
N LEU A 548 -32.04 -11.90 35.06
CA LEU A 548 -33.35 -11.39 35.45
C LEU A 548 -33.70 -10.07 34.77
N ARG A 549 -33.02 -9.76 33.66
CA ARG A 549 -33.23 -8.52 32.93
C ARG A 549 -33.58 -8.78 31.47
N LEU A 550 -34.34 -9.84 31.22
CA LEU A 550 -34.81 -10.19 29.88
C LEU A 550 -36.32 -10.31 29.89
N ASP A 551 -36.95 -9.88 28.80
CA ASP A 551 -38.41 -9.88 28.74
C ASP A 551 -38.92 -10.54 27.46
N THR A 552 -38.16 -10.45 26.37
CA THR A 552 -38.60 -10.95 25.07
C THR A 552 -37.66 -11.96 24.44
N HIS A 553 -36.41 -12.03 24.85
CA HIS A 553 -35.43 -12.92 24.23
C HIS A 553 -35.18 -14.11 25.14
N PRO A 554 -35.36 -15.35 24.65
CA PRO A 554 -35.19 -16.51 25.53
C PRO A 554 -33.79 -16.66 26.10
N ALA A 555 -32.76 -16.26 25.35
CA ALA A 555 -31.39 -16.50 25.80
C ALA A 555 -30.48 -15.39 25.29
N MET A 556 -29.33 -15.26 25.96
CA MET A 556 -28.32 -14.27 25.64
C MET A 556 -26.95 -14.93 25.78
N VAL A 557 -25.99 -14.47 24.97
CA VAL A 557 -24.62 -14.95 25.01
C VAL A 557 -23.71 -13.76 25.26
N THR A 558 -22.82 -13.88 26.24
CA THR A 558 -21.91 -12.81 26.63
C THR A 558 -20.50 -13.33 26.76
N VAL A 559 -19.53 -12.51 26.36
CA VAL A 559 -18.12 -12.76 26.60
C VAL A 559 -17.48 -11.46 27.06
N LEU A 560 -16.35 -11.58 27.77
CA LEU A 560 -15.69 -10.40 28.32
C LEU A 560 -15.20 -9.48 27.21
N GLU A 561 -14.50 -10.04 26.23
CA GLU A 561 -13.99 -9.28 25.09
C GLU A 561 -14.96 -9.31 23.90
N MET A 562 -16.21 -8.96 24.17
CA MET A 562 -17.26 -9.12 23.16
C MET A 562 -16.95 -8.32 21.90
N GLY A 563 -16.61 -7.05 22.06
CA GLY A 563 -16.27 -6.24 20.90
C GLY A 563 -15.05 -6.76 20.17
N ALA A 564 -14.02 -7.16 20.92
CA ALA A 564 -12.82 -7.68 20.29
C ALA A 564 -13.05 -9.05 19.68
N ALA A 565 -13.78 -9.93 20.38
CA ALA A 565 -14.00 -11.28 19.88
C ALA A 565 -14.89 -11.28 18.64
N ARG A 566 -15.90 -10.39 18.61
CA ARG A 566 -16.81 -10.36 17.47
C ARG A 566 -16.10 -10.02 16.17
N HIS A 567 -14.99 -9.28 16.26
CA HIS A 567 -14.22 -8.96 15.07
C HIS A 567 -13.07 -9.93 14.85
N PHE A 568 -12.50 -10.48 15.93
CA PHE A 568 -11.47 -11.49 15.77
C PHE A 568 -12.00 -12.75 15.10
N LEU A 569 -13.23 -13.15 15.45
CA LEU A 569 -13.84 -14.30 14.80
C LEU A 569 -14.08 -14.03 13.32
N ARG A 570 -14.52 -12.82 12.98
CA ARG A 570 -14.72 -12.46 11.58
C ARG A 570 -13.40 -12.49 10.81
N MET A 571 -12.33 -12.00 11.43
CA MET A 571 -11.01 -12.08 10.79
C MET A 571 -10.57 -13.52 10.61
N GLN A 572 -10.78 -14.35 11.62
CA GLN A 572 -10.37 -15.75 11.54
C GLN A 572 -11.11 -16.48 10.43
N GLN A 573 -12.42 -16.24 10.31
CA GLN A 573 -13.17 -16.83 9.21
C GLN A 573 -12.94 -16.11 7.89
N LEU A 574 -12.26 -14.97 7.91
CA LEU A 574 -11.94 -14.22 6.70
C LEU A 574 -10.57 -14.63 6.13
N ALA A 575 -9.54 -14.63 6.96
CA ALA A 575 -8.20 -14.99 6.55
C ALA A 575 -7.62 -15.98 7.54
N LYS A 576 -6.94 -17.01 7.03
CA LYS A 576 -6.34 -18.05 7.86
C LYS A 576 -5.02 -17.52 8.40
N THR A 577 -5.09 -16.81 9.52
CA THR A 577 -3.93 -16.19 10.14
C THR A 577 -3.73 -16.77 11.54
N GLN A 578 -2.78 -16.20 12.28
CA GLN A 578 -2.48 -16.65 13.63
C GLN A 578 -3.53 -16.14 14.62
N LEU A 584 -10.76 -20.81 21.91
CA LEU A 584 -11.19 -19.65 21.15
C LEU A 584 -11.78 -18.58 22.07
N LEU A 585 -12.94 -18.89 22.66
CA LEU A 585 -13.62 -17.97 23.57
C LEU A 585 -14.51 -18.77 24.49
N GLN A 586 -14.93 -18.13 25.58
CA GLN A 586 -15.76 -18.75 26.61
C GLN A 586 -17.10 -18.03 26.66
N PRO A 587 -18.11 -18.53 25.96
CA PRO A 587 -19.41 -17.84 25.93
C PRO A 587 -20.31 -18.22 27.10
N THR A 588 -20.65 -17.23 27.93
CA THR A 588 -21.59 -17.46 29.03
C THR A 588 -23.00 -17.25 28.51
N LEU A 589 -23.87 -18.22 28.77
CA LEU A 589 -25.24 -18.20 28.28
C LEU A 589 -26.17 -17.88 29.45
N GLU A 590 -27.06 -16.91 29.22
CA GLU A 590 -28.06 -16.51 30.20
C GLU A 590 -29.44 -16.87 29.66
N ILE A 591 -30.28 -17.45 30.50
CA ILE A 591 -31.63 -17.84 30.11
C ILE A 591 -32.62 -16.86 30.73
N ASN A 592 -33.79 -16.76 30.10
CA ASN A 592 -34.85 -15.91 30.60
C ASN A 592 -35.91 -16.80 31.23
N PRO A 593 -36.03 -16.82 32.56
CA PRO A 593 -37.03 -17.69 33.20
C PRO A 593 -38.46 -17.35 32.80
N ARG A 594 -38.76 -16.08 32.57
CA ARG A 594 -40.14 -15.69 32.23
C ARG A 594 -40.49 -15.95 30.78
N HIS A 595 -39.52 -16.28 29.93
CA HIS A 595 -39.80 -16.54 28.53
C HIS A 595 -40.60 -17.82 28.35
N ALA A 596 -41.55 -17.79 27.43
CA ALA A 596 -42.40 -18.96 27.20
C ALA A 596 -41.60 -20.11 26.60
N LEU A 597 -40.67 -19.81 25.70
CA LEU A 597 -39.88 -20.87 25.07
C LEU A 597 -39.04 -21.61 26.10
N ILE A 598 -38.42 -20.88 27.02
CA ILE A 598 -37.63 -21.52 28.08
C ILE A 598 -38.54 -22.28 29.04
N LYS A 599 -39.72 -21.71 29.34
CA LYS A 599 -40.67 -22.38 30.22
C LYS A 599 -41.15 -23.70 29.62
N LYS A 600 -41.22 -23.78 28.28
CA LYS A 600 -41.69 -24.99 27.63
C LYS A 600 -40.74 -26.16 27.82
N LEU A 601 -39.49 -25.91 28.21
CA LEU A 601 -38.50 -26.96 28.22
C LEU A 601 -38.74 -27.99 29.32
N ASN A 602 -39.35 -27.59 30.44
CA ASN A 602 -39.67 -28.55 31.49
C ASN A 602 -40.62 -29.63 30.99
N GLN A 603 -41.72 -29.22 30.36
CA GLN A 603 -42.65 -30.20 29.82
C GLN A 603 -42.13 -30.84 28.55
N LEU A 604 -41.16 -30.22 27.88
CA LEU A 604 -40.57 -30.82 26.69
C LEU A 604 -39.60 -31.93 27.03
N ARG A 605 -38.86 -31.81 28.14
CA ARG A 605 -37.89 -32.83 28.52
C ARG A 605 -38.57 -34.15 28.84
N ALA A 606 -39.69 -34.10 29.57
CA ALA A 606 -40.38 -35.32 29.98
C ALA A 606 -41.12 -36.00 28.84
N SER A 607 -41.29 -35.33 27.70
CA SER A 607 -42.03 -35.88 26.57
C SER A 607 -41.14 -36.23 25.39
N GLU A 608 -40.35 -35.27 24.89
CA GLU A 608 -39.48 -35.47 23.74
C GLU A 608 -38.07 -35.02 24.11
N PRO A 609 -37.31 -35.86 24.81
CA PRO A 609 -35.93 -35.46 25.19
C PRO A 609 -35.05 -35.14 24.00
N GLY A 610 -35.17 -35.88 22.90
CA GLY A 610 -34.39 -35.57 21.72
C GLY A 610 -34.77 -34.25 21.09
N LEU A 611 -36.07 -34.00 20.95
CA LEU A 611 -36.52 -32.73 20.41
C LEU A 611 -36.24 -31.59 21.38
N ALA A 612 -36.25 -31.88 22.69
CA ALA A 612 -35.85 -30.87 23.67
C ALA A 612 -34.38 -30.51 23.51
N GLN A 613 -33.53 -31.50 23.29
CA GLN A 613 -32.11 -31.22 23.04
C GLN A 613 -31.93 -30.43 21.75
N LEU A 614 -32.71 -30.77 20.71
CA LEU A 614 -32.67 -29.99 19.48
C LEU A 614 -33.08 -28.55 19.72
N LEU A 615 -34.12 -28.33 20.53
CA LEU A 615 -34.55 -26.97 20.86
C LEU A 615 -33.48 -26.23 21.63
N VAL A 616 -32.81 -26.91 22.56
CA VAL A 616 -31.73 -26.28 23.32
C VAL A 616 -30.59 -25.86 22.39
N ASP A 617 -30.22 -26.74 21.46
CA ASP A 617 -29.18 -26.40 20.49
C ASP A 617 -29.60 -25.22 19.63
N GLN A 618 -30.86 -25.20 19.19
CA GLN A 618 -31.35 -24.10 18.36
C GLN A 618 -31.36 -22.79 19.15
N ILE A 619 -31.73 -22.84 20.43
CA ILE A 619 -31.73 -21.65 21.27
C ILE A 619 -30.31 -21.12 21.44
N TYR A 620 -29.35 -22.03 21.67
CA TYR A 620 -27.96 -21.61 21.78
C TYR A 620 -27.47 -20.99 20.47
N GLU A 621 -27.83 -21.59 19.34
CA GLU A 621 -27.42 -21.05 18.05
C GLU A 621 -28.04 -19.67 17.81
N ASN A 622 -29.31 -19.49 18.15
CA ASN A 622 -29.94 -18.18 18.01
C ASN A 622 -29.28 -17.14 18.90
N ALA A 623 -28.95 -17.52 20.13
CA ALA A 623 -28.26 -16.59 21.03
C ALA A 623 -26.89 -16.21 20.48
N MET A 624 -26.16 -17.19 19.93
CA MET A 624 -24.87 -16.88 19.33
C MET A 624 -25.01 -15.98 18.12
N ILE A 625 -26.04 -16.21 17.30
CA ILE A 625 -26.27 -15.36 16.13
C ILE A 625 -26.57 -13.93 16.56
N ALA A 626 -27.45 -13.78 17.55
CA ALA A 626 -27.78 -12.45 18.05
C ALA A 626 -26.56 -11.77 18.65
N ALA A 627 -25.72 -12.53 19.35
CA ALA A 627 -24.48 -11.97 19.89
C ALA A 627 -23.50 -11.57 18.81
N GLY A 628 -23.67 -12.07 17.58
CA GLY A 628 -22.73 -11.81 16.52
C GLY A 628 -21.50 -12.69 16.54
N LEU A 629 -21.39 -13.61 17.49
CA LEU A 629 -20.25 -14.51 17.60
C LEU A 629 -20.44 -15.81 16.83
N VAL A 630 -21.55 -15.96 16.11
CA VAL A 630 -21.80 -17.20 15.38
C VAL A 630 -20.83 -17.30 14.21
N ASP A 631 -20.49 -18.54 13.85
CA ASP A 631 -19.67 -18.81 12.67
C ASP A 631 -20.57 -18.74 11.44
N ASP A 632 -20.06 -19.22 10.30
CA ASP A 632 -20.84 -19.26 9.07
C ASP A 632 -22.11 -20.06 9.31
N PRO A 633 -23.28 -19.42 9.25
CA PRO A 633 -24.51 -20.08 9.71
C PRO A 633 -25.10 -21.10 8.75
N ARG A 634 -24.38 -21.52 7.71
CA ARG A 634 -24.91 -22.56 6.83
C ARG A 634 -25.11 -23.88 7.57
N ALA A 635 -24.32 -24.14 8.61
CA ALA A 635 -24.46 -25.37 9.37
C ALA A 635 -25.70 -25.37 10.26
N MET A 636 -26.22 -24.19 10.60
CA MET A 636 -27.38 -24.13 11.49
C MET A 636 -28.67 -24.52 10.77
N VAL A 637 -28.70 -24.36 9.44
CA VAL A 637 -29.93 -24.60 8.69
C VAL A 637 -30.34 -26.07 8.76
N GLY A 638 -29.38 -26.98 8.65
CA GLY A 638 -29.71 -28.40 8.73
C GLY A 638 -30.30 -28.79 10.06
N ARG A 639 -29.70 -28.32 11.15
CA ARG A 639 -30.23 -28.59 12.48
C ARG A 639 -31.60 -27.96 12.65
N LEU A 640 -31.79 -26.75 12.12
CA LEU A 640 -33.09 -26.10 12.21
C LEU A 640 -34.17 -26.89 11.48
N ASN A 641 -33.85 -27.40 10.29
CA ASN A 641 -34.82 -28.20 9.55
C ASN A 641 -35.11 -29.51 10.27
N GLU A 642 -34.07 -30.14 10.83
CA GLU A 642 -34.28 -31.37 11.60
C GLU A 642 -35.11 -31.11 12.85
N LEU A 643 -35.05 -29.90 13.39
CA LEU A 643 -35.93 -29.51 14.48
C LEU A 643 -37.36 -29.32 13.99
N LEU A 644 -37.52 -28.61 12.86
CA LEU A 644 -38.84 -28.22 12.40
C LEU A 644 -39.63 -29.39 11.81
N VAL A 645 -38.95 -30.43 11.33
CA VAL A 645 -39.69 -31.56 10.78
C VAL A 645 -40.51 -32.25 11.88
N LYS A 646 -39.97 -32.31 13.10
CA LYS A 646 -40.64 -32.98 14.20
C LYS A 646 -41.32 -32.03 15.18
N ALA A 647 -40.97 -30.74 15.16
CA ALA A 647 -41.60 -29.78 16.06
C ALA A 647 -43.01 -29.43 15.63
N LEU A 648 -43.36 -29.72 14.37
CA LEU A 648 -44.71 -29.48 13.86
C LEU A 648 -45.48 -30.77 13.65
N GLU A 649 -45.04 -31.87 14.25
CA GLU A 649 -45.76 -33.13 14.17
C GLU A 649 -46.82 -33.23 15.26
N ARG A 650 -47.64 -32.20 15.37
CA ARG A 650 -48.74 -32.17 16.33
C ARG A 650 -49.99 -31.52 15.77
N HIS A 651 -50.02 -31.14 14.50
CA HIS A 651 -51.17 -30.47 13.91
C HIS A 651 -51.83 -31.35 12.85
N PRO B 17 -8.16 27.63 -33.77
CA PRO B 17 -7.19 28.23 -32.85
C PRO B 17 -5.88 27.45 -32.80
N LEU B 18 -5.29 27.20 -33.97
CA LEU B 18 -4.04 26.46 -34.07
C LEU B 18 -3.01 27.37 -34.73
N HIS B 19 -2.14 27.97 -33.92
CA HIS B 19 -1.06 28.82 -34.42
C HIS B 19 0.25 28.42 -33.77
N SER B 20 1.33 28.53 -34.54
CA SER B 20 2.66 28.14 -34.08
C SER B 20 3.67 29.19 -34.49
N ILE B 21 4.73 29.29 -33.69
CA ILE B 21 5.84 30.19 -33.97
C ILE B 21 7.11 29.44 -34.32
N ILE B 22 7.01 28.13 -34.55
CA ILE B 22 8.17 27.30 -34.85
C ILE B 22 8.53 27.45 -36.31
N SER B 23 9.79 27.77 -36.58
CA SER B 23 10.26 27.92 -37.95
C SER B 23 11.75 27.58 -38.01
N SER B 24 12.22 27.24 -39.21
CA SER B 24 13.61 26.90 -39.45
C SER B 24 14.37 28.02 -40.15
N THR B 25 13.90 29.27 -40.01
CA THR B 25 14.57 30.39 -40.66
C THR B 25 15.96 30.64 -40.09
N GLU B 26 16.23 30.22 -38.87
CA GLU B 26 17.53 30.42 -38.26
C GLU B 26 18.60 29.59 -38.95
N SER B 27 19.81 30.13 -39.00
CA SER B 27 20.95 29.44 -39.60
C SER B 27 22.24 30.00 -39.01
N VAL B 28 23.31 29.24 -39.15
CA VAL B 28 24.61 29.64 -38.64
C VAL B 28 25.20 30.71 -39.54
N GLN B 29 25.76 31.75 -38.92
CA GLN B 29 26.36 32.87 -39.65
C GLN B 29 27.87 32.93 -39.45
N GLY B 30 28.33 33.01 -38.20
CA GLY B 30 29.75 33.09 -37.92
C GLY B 30 30.42 31.73 -37.87
N SER B 31 31.74 31.76 -37.72
CA SER B 31 32.50 30.52 -37.58
C SER B 31 32.17 29.84 -36.26
N THR B 32 32.01 28.53 -36.30
CA THR B 32 31.68 27.77 -35.10
C THR B 32 32.84 27.78 -34.12
N SER B 33 32.52 27.99 -32.84
CA SER B 33 33.52 27.96 -31.79
C SER B 33 33.58 26.56 -31.19
N LYS B 34 34.28 26.42 -30.06
CA LYS B 34 34.37 25.15 -29.35
C LYS B 34 34.58 25.43 -27.88
N HIS B 35 33.90 24.64 -27.03
CA HIS B 35 33.99 24.82 -25.59
C HIS B 35 33.92 23.45 -24.92
N GLU B 36 34.38 23.42 -23.68
CA GLU B 36 34.32 22.22 -22.85
C GLU B 36 33.37 22.44 -21.68
N PHE B 37 32.61 21.41 -21.34
CA PHE B 37 31.67 21.51 -20.23
C PHE B 37 32.42 21.76 -18.93
N GLN B 38 31.92 22.70 -18.14
CA GLN B 38 32.45 23.02 -16.83
C GLN B 38 31.48 22.50 -15.76
N ALA B 39 31.86 22.70 -14.50
CA ALA B 39 31.03 22.25 -13.39
C ALA B 39 31.22 23.18 -12.21
N GLU B 40 30.11 23.59 -11.60
CA GLU B 40 30.16 24.42 -10.40
C GLU B 40 30.31 23.51 -9.19
N THR B 41 31.53 23.43 -8.66
CA THR B 41 31.81 22.46 -7.60
C THR B 41 31.12 22.83 -6.31
N LYS B 42 31.00 24.12 -6.01
CA LYS B 42 30.31 24.54 -4.79
C LYS B 42 28.87 24.07 -4.78
N LYS B 43 28.15 24.32 -5.88
CA LYS B 43 26.76 23.88 -5.97
C LYS B 43 26.66 22.36 -6.03
N LEU B 44 27.64 21.69 -6.62
CA LEU B 44 27.63 20.23 -6.63
C LEU B 44 27.75 19.67 -5.22
N LEU B 45 28.66 20.24 -4.42
CA LEU B 45 28.76 19.83 -3.03
C LEU B 45 27.49 20.13 -2.27
N ASP B 46 26.88 21.29 -2.52
CA ASP B 46 25.62 21.63 -1.86
C ASP B 46 24.53 20.63 -2.22
N ILE B 47 24.46 20.25 -3.49
CA ILE B 47 23.45 19.29 -3.94
C ILE B 47 23.67 17.94 -3.28
N VAL B 48 24.93 17.48 -3.25
CA VAL B 48 25.23 16.17 -2.68
C VAL B 48 24.91 16.16 -1.19
N ALA B 49 25.27 17.22 -0.48
CA ALA B 49 25.11 17.27 0.96
C ALA B 49 23.72 17.71 1.41
N ARG B 50 22.87 18.17 0.50
CA ARG B 50 21.57 18.66 0.94
C ARG B 50 20.40 18.03 0.20
N SER B 51 20.53 17.79 -1.10
CA SER B 51 19.38 17.40 -1.91
C SER B 51 19.69 16.15 -2.74
N LEU B 52 20.40 15.21 -2.16
CA LEU B 52 20.70 13.94 -2.83
C LEU B 52 20.16 12.74 -2.08
N TYR B 53 20.41 12.66 -0.78
CA TYR B 53 20.04 11.50 0.03
C TYR B 53 18.89 11.87 0.96
N SER B 54 17.80 11.10 0.89
CA SER B 54 16.65 11.35 1.75
C SER B 54 16.99 11.07 3.21
N GLU B 55 17.75 10.01 3.47
CA GLU B 55 18.11 9.62 4.82
C GLU B 55 19.50 10.15 5.15
N LYS B 56 19.61 10.79 6.32
CA LYS B 56 20.87 11.42 6.71
C LYS B 56 21.92 10.40 7.14
N GLU B 57 21.51 9.18 7.47
CA GLU B 57 22.41 8.17 8.04
C GLU B 57 23.17 7.39 6.98
N VAL B 58 22.92 7.62 5.70
CA VAL B 58 23.56 6.84 4.65
C VAL B 58 25.03 7.18 4.47
N PHE B 59 25.52 8.25 5.11
CA PHE B 59 26.89 8.70 4.86
C PHE B 59 27.91 7.64 5.25
N ILE B 60 27.67 6.93 6.36
CA ILE B 60 28.55 5.82 6.71
C ILE B 60 28.35 4.66 5.76
N ARG B 61 27.11 4.42 5.32
CA ARG B 61 26.86 3.33 4.38
C ARG B 61 27.70 3.49 3.12
N GLU B 62 27.82 4.72 2.62
CA GLU B 62 28.76 4.97 1.54
C GLU B 62 30.19 4.72 2.00
N LEU B 63 30.58 5.33 3.12
CA LEU B 63 31.97 5.25 3.58
C LEU B 63 32.38 3.81 3.80
N ILE B 64 31.56 3.06 4.54
CA ILE B 64 31.84 1.63 4.74
C ILE B 64 31.99 0.93 3.40
N SER B 65 31.07 1.22 2.47
CA SER B 65 31.20 0.66 1.12
C SER B 65 32.55 1.00 0.53
N ASN B 66 32.93 2.29 0.58
CA ASN B 66 34.25 2.68 0.11
C ASN B 66 35.33 1.83 0.76
N ALA B 67 35.25 1.69 2.08
CA ALA B 67 36.23 0.86 2.79
C ALA B 67 36.30 -0.52 2.18
N SER B 68 35.13 -1.17 2.04
CA SER B 68 35.11 -2.50 1.44
C SER B 68 35.76 -2.47 0.07
N ASP B 69 35.39 -1.48 -0.75
CA ASP B 69 35.98 -1.37 -2.07
C ASP B 69 37.50 -1.35 -1.97
N ALA B 70 38.03 -0.49 -1.10
CA ALA B 70 39.48 -0.41 -0.93
C ALA B 70 40.04 -1.78 -0.58
N LEU B 71 39.43 -2.46 0.39
CA LEU B 71 39.92 -3.77 0.78
C LEU B 71 39.87 -4.72 -0.41
N GLU B 72 38.76 -4.69 -1.16
CA GLU B 72 38.66 -5.54 -2.35
C GLU B 72 39.83 -5.26 -3.28
N LYS B 73 40.10 -3.98 -3.53
CA LYS B 73 41.22 -3.62 -4.39
C LYS B 73 42.51 -4.19 -3.83
N LEU B 74 42.73 -4.05 -2.52
CA LEU B 74 43.93 -4.60 -1.92
C LEU B 74 44.02 -6.08 -2.15
N ARG B 75 42.89 -6.80 -2.03
CA ARG B 75 42.91 -8.23 -2.28
C ARG B 75 43.43 -8.52 -3.68
N HIS B 76 42.98 -7.76 -4.67
CA HIS B 76 43.50 -7.95 -6.02
C HIS B 76 45.00 -7.68 -6.06
N LYS B 77 45.44 -6.60 -5.39
CA LYS B 77 46.86 -6.30 -5.35
C LYS B 77 47.65 -7.36 -4.62
N LEU B 78 46.98 -8.21 -3.84
CA LEU B 78 47.64 -9.31 -3.14
C LEU B 78 47.29 -10.66 -3.75
N VAL B 79 46.59 -10.67 -4.89
CA VAL B 79 46.31 -11.89 -5.62
C VAL B 79 47.06 -11.93 -6.95
N SER B 80 47.16 -10.78 -7.62
CA SER B 80 47.93 -10.74 -8.88
C SER B 80 49.39 -11.09 -8.66
N ASP B 81 49.99 -10.57 -7.58
CA ASP B 81 51.36 -10.93 -7.23
C ASP B 81 51.45 -12.18 -6.38
N GLY B 82 50.34 -12.67 -5.86
CA GLY B 82 50.34 -13.91 -5.09
C GLY B 82 51.15 -13.87 -3.82
N GLN B 83 51.04 -12.78 -3.05
CA GLN B 83 51.76 -12.62 -1.80
C GLN B 83 50.81 -12.81 -0.62
N ALA B 84 51.36 -12.70 0.58
CA ALA B 84 50.61 -12.95 1.80
C ALA B 84 49.51 -11.91 1.99
N LEU B 85 48.44 -12.33 2.66
CA LEU B 85 47.28 -11.47 2.90
C LEU B 85 47.24 -11.07 4.37
N PRO B 86 47.49 -9.79 4.71
CA PRO B 86 47.37 -9.37 6.11
C PRO B 86 45.92 -9.25 6.54
N GLU B 87 45.69 -8.78 7.77
CA GLU B 87 44.33 -8.61 8.24
C GLU B 87 43.60 -7.57 7.40
N MET B 88 42.36 -7.88 7.01
CA MET B 88 41.54 -7.01 6.19
C MET B 88 40.24 -6.78 6.96
N GLU B 89 40.13 -5.63 7.62
CA GLU B 89 38.99 -5.34 8.46
C GLU B 89 38.62 -3.87 8.36
N ILE B 90 37.37 -3.58 8.66
CA ILE B 90 36.83 -2.23 8.70
C ILE B 90 36.49 -1.91 10.16
N HIS B 91 36.81 -0.71 10.61
CA HIS B 91 36.64 -0.34 12.00
C HIS B 91 35.84 0.95 12.10
N LEU B 92 34.85 0.95 12.99
CA LEU B 92 34.08 2.15 13.33
C LEU B 92 34.38 2.52 14.77
N GLN B 93 34.75 3.77 14.99
CA GLN B 93 35.00 4.30 16.32
C GLN B 93 34.07 5.47 16.57
N THR B 94 33.56 5.57 17.80
CA THR B 94 32.60 6.60 18.16
C THR B 94 33.13 7.36 19.37
N ASN B 95 33.13 8.69 19.29
CA ASN B 95 33.61 9.55 20.37
C ASN B 95 32.50 10.56 20.68
N ALA B 96 31.67 10.24 21.67
CA ALA B 96 30.61 11.16 22.07
C ALA B 96 31.18 12.42 22.70
N GLU B 97 32.26 12.29 23.48
CA GLU B 97 32.88 13.45 24.10
C GLU B 97 33.41 14.41 23.03
N LYS B 98 34.09 13.89 22.03
CA LYS B 98 34.57 14.68 20.91
C LYS B 98 33.53 14.83 19.81
N GLY B 99 32.44 14.08 19.86
CA GLY B 99 31.42 14.15 18.83
C GLY B 99 31.92 13.78 17.46
N THR B 100 32.71 12.72 17.35
CA THR B 100 33.33 12.33 16.08
C THR B 100 33.06 10.86 15.81
N ILE B 101 33.08 10.52 14.52
CA ILE B 101 32.97 9.13 14.09
C ILE B 101 34.14 8.82 13.16
N THR B 102 34.81 7.70 13.40
CA THR B 102 36.01 7.31 12.69
C THR B 102 35.73 6.04 11.89
N ILE B 103 36.02 6.08 10.60
CA ILE B 103 35.92 4.90 9.74
C ILE B 103 37.31 4.58 9.21
N GLN B 104 37.86 3.44 9.61
CA GLN B 104 39.21 3.06 9.20
C GLN B 104 39.18 1.75 8.44
N ASP B 105 39.96 1.70 7.36
CA ASP B 105 40.15 0.47 6.60
C ASP B 105 41.64 0.27 6.35
N THR B 106 42.04 -1.00 6.27
CA THR B 106 43.40 -1.39 5.98
C THR B 106 43.57 -1.76 4.51
N GLY B 107 42.86 -1.07 3.62
CA GLY B 107 42.84 -1.40 2.21
C GLY B 107 44.06 -0.89 1.45
N ILE B 108 43.84 -0.56 0.19
CA ILE B 108 44.95 -0.14 -0.67
C ILE B 108 45.56 1.15 -0.16
N GLY B 109 44.74 2.11 0.25
CA GLY B 109 45.22 3.43 0.59
C GLY B 109 45.25 4.34 -0.61
N MET B 110 45.76 5.54 -0.39
CA MET B 110 45.78 6.55 -1.45
C MET B 110 47.00 7.44 -1.29
N THR B 111 47.66 7.73 -2.41
CA THR B 111 48.84 8.58 -2.42
C THR B 111 48.42 10.03 -2.60
N GLN B 112 49.42 10.92 -2.80
CA GLN B 112 49.12 12.32 -3.08
C GLN B 112 48.27 12.45 -4.34
N GLU B 113 48.72 11.84 -5.44
CA GLU B 113 47.98 11.93 -6.69
C GLU B 113 46.62 11.25 -6.57
N GLU B 114 46.56 10.10 -5.88
CA GLU B 114 45.28 9.42 -5.72
C GLU B 114 44.32 10.23 -4.86
N LEU B 115 44.82 10.84 -3.79
CA LEU B 115 43.96 11.68 -2.95
C LEU B 115 43.45 12.89 -3.73
N VAL B 116 44.32 13.51 -4.52
CA VAL B 116 43.89 14.70 -5.28
C VAL B 116 42.88 14.32 -6.35
N SER B 117 43.14 13.22 -7.08
CA SER B 117 42.30 12.86 -8.21
C SER B 117 40.97 12.27 -7.77
N ASN B 118 40.97 11.46 -6.71
CA ASN B 118 39.75 10.78 -6.28
C ASN B 118 38.93 11.65 -5.35
N LEU B 119 39.52 12.07 -4.21
CA LEU B 119 38.77 12.85 -3.24
C LEU B 119 38.43 14.24 -3.77
N GLY B 120 39.37 14.86 -4.49
CA GLY B 120 39.19 16.23 -4.91
C GLY B 120 38.38 16.45 -6.16
N THR B 121 37.97 15.38 -6.85
CA THR B 121 37.19 15.49 -8.07
C THR B 121 35.82 14.85 -7.86
N ILE B 122 34.77 15.62 -8.12
CA ILE B 122 33.41 15.13 -7.96
C ILE B 122 33.08 14.18 -9.10
N ALA B 123 32.35 13.12 -8.78
CA ALA B 123 31.94 12.10 -9.75
C ALA B 123 33.14 11.42 -10.40
N ARG B 124 34.28 11.41 -9.72
CA ARG B 124 35.47 10.68 -10.17
C ARG B 124 35.72 9.54 -9.20
N SER B 125 35.62 8.31 -9.70
CA SER B 125 35.77 7.12 -8.89
C SER B 125 37.00 6.35 -9.33
N GLY B 126 37.89 6.06 -8.39
CA GLY B 126 39.03 5.21 -8.68
C GLY B 126 38.66 3.75 -8.84
N SER B 127 37.50 3.35 -8.34
CA SER B 127 37.04 1.97 -8.49
C SER B 127 36.74 1.64 -9.95
N LYS B 128 36.14 2.58 -10.68
CA LYS B 128 35.81 2.33 -12.09
C LYS B 128 37.08 2.11 -12.91
N ALA B 129 38.11 2.92 -12.69
CA ALA B 129 39.39 2.69 -13.36
C ALA B 129 39.98 1.35 -12.96
N PHE B 130 39.87 1.00 -11.68
CA PHE B 130 40.37 -0.29 -11.21
C PHE B 130 39.64 -1.44 -11.90
N LEU B 131 38.32 -1.34 -12.03
CA LEU B 131 37.56 -2.38 -12.72
C LEU B 131 37.94 -2.45 -14.20
N ASP B 132 38.10 -1.30 -14.84
CA ASP B 132 38.49 -1.29 -16.25
C ASP B 132 39.93 -1.75 -16.46
N ALA B 133 40.74 -1.78 -15.40
CA ALA B 133 42.10 -2.27 -15.48
C ALA B 133 42.24 -3.73 -15.08
N LEU B 134 41.12 -4.42 -14.86
CA LEU B 134 41.18 -5.82 -14.46
C LEU B 134 41.49 -6.76 -15.63
N GLN B 135 41.00 -6.42 -16.82
CA GLN B 135 41.18 -7.22 -18.03
C GLN B 135 40.49 -8.58 -17.93
N ASN B 136 39.76 -8.82 -16.86
CA ASN B 136 39.00 -10.06 -16.71
C ASN B 136 37.53 -9.83 -16.37
N GLN B 137 37.23 -8.83 -15.54
CA GLN B 137 35.86 -8.50 -15.16
C GLN B 137 35.12 -9.70 -14.57
N ALA B 138 35.85 -10.52 -13.79
CA ALA B 138 35.26 -11.70 -13.21
C ALA B 138 35.60 -11.92 -11.74
N GLU B 139 36.59 -11.22 -11.18
CA GLU B 139 36.99 -11.43 -9.79
C GLU B 139 36.51 -10.30 -8.89
N ALA B 140 36.87 -9.05 -9.22
CA ALA B 140 36.49 -7.90 -8.41
C ALA B 140 35.41 -7.04 -9.04
N SER B 141 35.03 -7.30 -10.30
CA SER B 141 33.98 -6.52 -10.93
C SER B 141 32.64 -6.71 -10.23
N SER B 142 32.40 -7.89 -9.67
CA SER B 142 31.16 -8.19 -8.98
C SER B 142 31.21 -7.85 -7.50
N LYS B 143 32.36 -7.42 -6.98
CA LYS B 143 32.52 -7.12 -5.56
C LYS B 143 32.93 -5.68 -5.31
N ILE B 144 32.83 -4.80 -6.31
CA ILE B 144 33.13 -3.39 -6.16
C ILE B 144 31.82 -2.62 -6.22
N ILE B 145 31.57 -1.81 -5.19
CA ILE B 145 30.28 -1.11 -5.08
C ILE B 145 30.34 0.25 -5.74
N GLY B 146 31.41 1.00 -5.52
CA GLY B 146 31.51 2.36 -6.04
C GLY B 146 31.48 2.46 -7.56
N GLN B 147 30.53 3.23 -8.09
CA GLN B 147 30.43 3.43 -9.53
C GLN B 147 30.16 4.86 -9.94
N PHE B 148 29.79 5.77 -9.02
CA PHE B 148 29.44 7.14 -9.38
C PHE B 148 30.59 8.11 -9.14
N GLY B 149 31.11 8.16 -7.92
CA GLY B 149 32.13 9.12 -7.56
C GLY B 149 31.67 10.22 -6.63
N VAL B 150 30.47 10.12 -6.07
CA VAL B 150 29.95 11.12 -5.14
C VAL B 150 29.64 10.52 -3.77
N GLY B 151 30.01 9.26 -3.55
CA GLY B 151 29.67 8.61 -2.29
C GLY B 151 30.37 9.21 -1.09
N PHE B 152 31.65 9.59 -1.26
CA PHE B 152 32.40 10.13 -0.14
C PHE B 152 31.80 11.45 0.35
N TYR B 153 31.37 12.29 -0.58
CA TYR B 153 30.87 13.63 -0.23
C TYR B 153 29.58 13.59 0.58
N SER B 154 28.90 12.44 0.62
CA SER B 154 27.78 12.29 1.54
C SER B 154 28.21 12.46 2.98
N ALA B 155 29.50 12.26 3.28
CA ALA B 155 30.02 12.54 4.61
C ALA B 155 29.84 14.00 4.99
N PHE B 156 29.82 14.90 4.00
CA PHE B 156 29.57 16.31 4.27
C PHE B 156 28.13 16.58 4.66
N MET B 157 27.24 15.59 4.53
CA MET B 157 25.87 15.75 5.00
C MET B 157 25.83 15.98 6.51
N VAL B 158 26.71 15.31 7.25
CA VAL B 158 26.70 15.35 8.71
C VAL B 158 27.93 16.00 9.30
N ALA B 159 28.96 16.27 8.51
CA ALA B 159 30.25 16.70 9.01
C ALA B 159 30.54 18.13 8.60
N ASP B 160 30.94 18.95 9.57
CA ASP B 160 31.54 20.24 9.28
C ASP B 160 33.05 20.14 9.08
N ARG B 161 33.63 18.96 9.33
CA ARG B 161 35.05 18.73 9.15
C ARG B 161 35.29 17.26 8.85
N VAL B 162 35.98 16.98 7.75
CA VAL B 162 36.39 15.64 7.38
C VAL B 162 37.91 15.62 7.29
N GLU B 163 38.53 14.66 7.97
CA GLU B 163 39.98 14.62 8.15
C GLU B 163 40.47 13.21 7.87
N VAL B 164 41.17 13.04 6.74
CA VAL B 164 41.53 11.74 6.22
C VAL B 164 43.03 11.52 6.38
N TYR B 165 43.40 10.46 7.08
CA TYR B 165 44.78 9.97 7.16
C TYR B 165 44.86 8.79 6.21
N SER B 166 45.46 9.00 5.04
CA SER B 166 45.52 7.95 4.03
C SER B 166 46.96 7.73 3.59
N ARG B 167 47.39 6.47 3.57
CA ARG B 167 48.66 6.10 2.97
C ARG B 167 48.49 4.79 2.24
N SER B 168 49.14 4.69 1.08
CA SER B 168 48.94 3.57 0.17
C SER B 168 49.64 2.32 0.69
N ALA B 169 49.28 1.18 0.10
CA ALA B 169 49.89 -0.10 0.40
C ALA B 169 51.17 -0.34 -0.39
N ALA B 170 51.59 0.62 -1.20
CA ALA B 170 52.81 0.47 -1.98
C ALA B 170 54.02 0.38 -1.05
N PRO B 171 55.07 -0.35 -1.45
CA PRO B 171 56.21 -0.53 -0.56
C PRO B 171 57.08 0.72 -0.45
N GLY B 172 56.70 1.63 0.44
CA GLY B 172 57.46 2.84 0.66
C GLY B 172 56.63 4.11 0.59
N SER B 173 55.32 3.97 0.70
CA SER B 173 54.44 5.12 0.67
C SER B 173 54.53 5.91 1.98
N LEU B 174 54.04 7.15 1.94
CA LEU B 174 54.06 8.04 3.07
C LEU B 174 52.64 8.39 3.51
N GLY B 175 52.48 8.56 4.82
CA GLY B 175 51.18 8.99 5.33
C GLY B 175 50.83 10.38 4.82
N TYR B 176 49.56 10.56 4.45
CA TYR B 176 49.09 11.82 3.89
C TYR B 176 47.83 12.26 4.60
N GLN B 177 47.64 13.58 4.63
CA GLN B 177 46.61 14.24 5.43
C GLN B 177 45.69 15.01 4.50
N TRP B 178 44.38 14.94 4.75
CA TRP B 178 43.38 15.51 3.86
C TRP B 178 42.28 16.16 4.70
N LEU B 179 42.30 17.48 4.82
CA LEU B 179 41.26 18.21 5.53
C LEU B 179 40.28 18.84 4.56
N SER B 180 38.99 18.82 4.92
CA SER B 180 38.00 19.54 4.15
C SER B 180 36.82 19.91 5.04
N ASP B 181 36.40 21.17 4.95
CA ASP B 181 35.22 21.64 5.66
C ASP B 181 33.96 21.54 4.83
N GLY B 182 34.05 21.00 3.61
CA GLY B 182 32.89 20.87 2.74
C GLY B 182 32.49 22.14 2.04
N SER B 183 33.33 23.17 2.04
CA SER B 183 32.99 24.46 1.44
C SER B 183 33.68 24.66 0.08
N GLY B 184 33.86 23.58 -0.67
CA GLY B 184 34.42 23.68 -2.00
C GLY B 184 35.93 23.77 -2.06
N VAL B 185 36.61 23.77 -0.92
CA VAL B 185 38.07 23.86 -0.87
C VAL B 185 38.58 22.86 0.16
N PHE B 186 39.64 22.15 -0.19
CA PHE B 186 40.25 21.16 0.68
C PHE B 186 41.76 21.34 0.69
N GLU B 187 42.39 20.95 1.79
CA GLU B 187 43.83 21.06 1.94
C GLU B 187 44.43 19.67 2.14
N ILE B 188 45.65 19.50 1.63
CA ILE B 188 46.36 18.23 1.69
C ILE B 188 47.76 18.49 2.22
N ALA B 189 48.34 17.46 2.85
CA ALA B 189 49.63 17.59 3.50
C ALA B 189 50.23 16.20 3.69
N GLU B 190 51.41 16.15 4.28
CA GLU B 190 52.08 14.90 4.61
C GLU B 190 51.95 14.65 6.11
N ALA B 191 51.57 13.41 6.46
CA ALA B 191 51.34 13.04 7.85
C ALA B 191 52.26 11.89 8.25
N SER B 192 52.52 11.79 9.54
CA SER B 192 53.38 10.76 10.09
C SER B 192 52.61 9.89 11.06
N GLY B 193 53.00 8.61 11.14
CA GLY B 193 52.32 7.68 12.01
C GLY B 193 51.05 7.10 11.46
N VAL B 194 50.70 7.39 10.22
CA VAL B 194 49.47 6.88 9.61
C VAL B 194 49.67 5.41 9.26
N ARG B 195 48.74 4.57 9.71
CA ARG B 195 48.76 3.16 9.33
C ARG B 195 48.38 2.99 7.87
N THR B 196 48.89 1.92 7.26
CA THR B 196 48.56 1.63 5.88
C THR B 196 47.05 1.50 5.71
N GLY B 197 46.51 2.19 4.71
CA GLY B 197 45.09 2.22 4.46
C GLY B 197 44.54 3.64 4.53
N THR B 198 43.35 3.77 5.09
CA THR B 198 42.67 5.07 5.14
C THR B 198 41.80 5.16 6.39
N LYS B 199 42.00 6.22 7.17
CA LYS B 199 41.19 6.50 8.35
C LYS B 199 40.53 7.86 8.17
N ILE B 200 39.21 7.89 8.14
CA ILE B 200 38.45 9.12 7.96
C ILE B 200 37.82 9.49 9.29
N ILE B 201 38.16 10.68 9.79
CA ILE B 201 37.57 11.26 10.99
C ILE B 201 36.50 12.24 10.53
N ILE B 202 35.29 12.09 11.07
CA ILE B 202 34.18 12.97 10.75
C ILE B 202 33.79 13.68 12.04
N HIS B 203 33.86 15.01 12.02
CA HIS B 203 33.42 15.83 13.14
C HIS B 203 31.95 16.17 12.90
N LEU B 204 31.08 15.64 13.75
CA LEU B 204 29.64 15.71 13.48
C LEU B 204 29.14 17.14 13.62
N LYS B 205 28.08 17.44 12.86
CA LYS B 205 27.46 18.74 12.93
C LYS B 205 26.74 18.92 14.27
N SER B 206 26.29 20.15 14.52
CA SER B 206 25.59 20.43 15.76
C SER B 206 24.28 19.65 15.85
N ASP B 207 23.53 19.58 14.76
CA ASP B 207 22.27 18.87 14.73
C ASP B 207 22.43 17.39 14.36
N CYS B 208 23.63 16.96 13.95
CA CYS B 208 23.87 15.58 13.56
C CYS B 208 24.70 14.82 14.59
N LYS B 209 24.71 15.28 15.84
CA LYS B 209 25.49 14.61 16.88
C LYS B 209 24.93 13.24 17.23
N GLU B 210 23.72 12.90 16.78
CA GLU B 210 23.16 11.59 17.06
C GLU B 210 23.96 10.46 16.42
N PHE B 211 24.74 10.76 15.39
CA PHE B 211 25.62 9.77 14.77
C PHE B 211 26.90 9.57 15.55
N SER B 212 27.11 10.35 16.62
CA SER B 212 28.21 10.13 17.54
C SER B 212 27.79 9.28 18.73
N SER B 213 26.83 8.38 18.53
CA SER B 213 26.38 7.46 19.57
C SER B 213 26.48 6.03 19.07
N GLU B 214 26.77 5.11 19.99
CA GLU B 214 26.96 3.71 19.63
C GLU B 214 25.69 3.10 19.04
N ALA B 215 24.54 3.37 19.66
CA ALA B 215 23.30 2.73 19.24
C ALA B 215 22.90 3.13 17.82
N ARG B 216 23.01 4.43 17.49
CA ARG B 216 22.61 4.89 16.17
C ARG B 216 23.50 4.29 15.09
N VAL B 217 24.82 4.29 15.30
CA VAL B 217 25.73 3.72 14.32
C VAL B 217 25.48 2.24 14.16
N ARG B 218 25.24 1.54 15.28
CA ARG B 218 24.94 0.11 15.21
C ARG B 218 23.67 -0.13 14.41
N ASP B 219 22.64 0.69 14.63
CA ASP B 219 21.39 0.53 13.89
C ASP B 219 21.62 0.75 12.40
N VAL B 220 22.38 1.77 12.03
CA VAL B 220 22.61 2.03 10.62
C VAL B 220 23.41 0.90 9.97
N VAL B 221 24.42 0.39 10.67
CA VAL B 221 25.23 -0.69 10.11
C VAL B 221 24.39 -1.95 9.93
N THR B 222 23.59 -2.31 10.94
CA THR B 222 22.68 -3.44 10.78
C THR B 222 21.55 -3.15 9.79
N LYS B 223 21.36 -1.90 9.40
CA LYS B 223 20.41 -1.59 8.34
C LYS B 223 21.00 -1.74 6.95
N TYR B 224 22.29 -1.41 6.78
CA TYR B 224 22.87 -1.29 5.45
C TYR B 224 24.00 -2.27 5.18
N SER B 225 24.94 -2.43 6.11
CA SER B 225 26.22 -3.06 5.81
C SER B 225 26.50 -4.23 6.76
N ASN B 226 25.52 -5.12 6.92
CA ASN B 226 25.78 -6.35 7.68
C ASN B 226 26.70 -7.28 6.91
N PHE B 227 26.46 -7.44 5.61
CA PHE B 227 27.08 -8.50 4.81
C PHE B 227 28.21 -7.99 3.94
N VAL B 228 29.01 -7.03 4.44
CA VAL B 228 30.19 -6.62 3.71
C VAL B 228 31.17 -7.80 3.62
N SER B 229 31.98 -7.79 2.57
CA SER B 229 32.85 -8.92 2.27
C SER B 229 33.94 -9.12 3.31
N PHE B 230 34.15 -8.18 4.21
CA PHE B 230 35.25 -8.20 5.16
C PHE B 230 34.74 -7.96 6.56
N PRO B 231 35.47 -8.43 7.58
CA PRO B 231 35.02 -8.22 8.96
C PRO B 231 34.86 -6.75 9.28
N LEU B 232 33.83 -6.43 10.05
CA LEU B 232 33.52 -5.06 10.44
C LEU B 232 33.34 -5.01 11.94
N TYR B 233 34.06 -4.09 12.58
CA TYR B 233 34.03 -3.91 14.02
C TYR B 233 33.46 -2.53 14.33
N LEU B 234 32.74 -2.45 15.45
CA LEU B 234 32.20 -1.18 15.93
C LEU B 234 32.68 -0.97 17.36
N ASN B 235 33.46 0.08 17.58
CA ASN B 235 34.02 0.45 18.88
C ASN B 235 34.88 -0.64 19.49
N GLY B 236 35.27 -1.66 18.72
CA GLY B 236 36.14 -2.69 19.22
C GLY B 236 35.67 -4.11 19.00
N ARG B 237 34.35 -4.31 18.97
CA ARG B 237 33.78 -5.64 18.84
C ARG B 237 33.14 -5.83 17.48
N ARG B 238 33.42 -6.97 16.85
CA ARG B 238 32.84 -7.27 15.54
C ARG B 238 31.33 -7.38 15.64
N MET B 239 30.64 -6.86 14.62
CA MET B 239 29.19 -6.88 14.62
C MET B 239 28.59 -7.48 13.35
N ASN B 240 29.41 -8.13 12.51
CA ASN B 240 28.87 -8.84 11.36
C ASN B 240 28.34 -10.21 11.78
N THR B 241 29.23 -11.09 12.22
CA THR B 241 28.89 -12.38 12.82
C THR B 241 27.95 -13.22 11.96
N LEU B 242 27.80 -12.87 10.69
CA LEU B 242 26.87 -13.56 9.81
C LEU B 242 27.28 -13.32 8.37
N GLN B 243 27.81 -14.36 7.73
CA GLN B 243 28.20 -14.25 6.33
C GLN B 243 26.98 -14.32 5.43
N ALA B 244 27.09 -13.70 4.25
CA ALA B 244 26.01 -13.70 3.27
C ALA B 244 25.96 -15.05 2.58
N ILE B 245 24.99 -15.87 2.98
CA ILE B 245 24.89 -17.23 2.44
C ILE B 245 24.25 -17.27 1.06
N TRP B 246 23.79 -16.14 0.54
CA TRP B 246 23.17 -16.11 -0.77
C TRP B 246 24.18 -15.99 -1.90
N MET B 247 25.48 -15.95 -1.60
CA MET B 247 26.51 -15.77 -2.60
C MET B 247 27.14 -17.07 -3.08
N MET B 248 27.40 -18.01 -2.18
CA MET B 248 28.04 -19.25 -2.57
C MET B 248 27.01 -20.24 -3.10
N ASP B 249 27.48 -21.44 -3.45
CA ASP B 249 26.61 -22.45 -4.01
C ASP B 249 25.61 -22.96 -2.96
N PRO B 250 24.39 -23.32 -3.39
CA PRO B 250 23.42 -23.83 -2.43
C PRO B 250 23.86 -25.10 -1.72
N LYS B 251 24.73 -25.91 -2.35
CA LYS B 251 25.20 -27.12 -1.71
C LYS B 251 26.15 -26.84 -0.55
N ASP B 252 26.83 -25.70 -0.56
CA ASP B 252 27.82 -25.37 0.46
C ASP B 252 27.21 -24.74 1.71
N VAL B 253 25.92 -24.44 1.70
CA VAL B 253 25.24 -23.85 2.85
C VAL B 253 24.31 -24.90 3.46
N GLY B 254 24.41 -25.08 4.77
CA GLY B 254 23.68 -26.13 5.45
C GLY B 254 22.35 -25.66 6.01
N GLU B 255 21.65 -26.61 6.64
CA GLU B 255 20.35 -26.30 7.22
C GLU B 255 20.47 -25.33 8.39
N TRP B 256 21.51 -25.49 9.21
CA TRP B 256 21.70 -24.59 10.35
C TRP B 256 21.97 -23.16 9.87
N GLN B 257 22.82 -23.01 8.86
CA GLN B 257 23.09 -21.68 8.30
C GLN B 257 21.82 -21.08 7.70
N HIS B 258 21.03 -21.90 6.99
CA HIS B 258 19.77 -21.42 6.45
C HIS B 258 18.84 -20.94 7.56
N GLU B 259 18.74 -21.70 8.65
CA GLU B 259 17.86 -21.32 9.74
C GLU B 259 18.33 -20.03 10.40
N GLU B 260 19.64 -19.89 10.61
CA GLU B 260 20.16 -18.66 11.22
C GLU B 260 19.92 -17.46 10.33
N PHE B 261 20.18 -17.60 9.02
CA PHE B 261 19.95 -16.49 8.10
C PHE B 261 18.48 -16.12 8.03
N TYR B 262 17.59 -17.13 8.02
CA TYR B 262 16.16 -16.84 8.03
C TYR B 262 15.75 -16.11 9.30
N ARG B 263 16.28 -16.56 10.45
CA ARG B 263 15.99 -15.89 11.70
C ARG B 263 16.42 -14.43 11.66
N TYR B 264 17.58 -14.16 11.06
CA TYR B 264 18.04 -12.78 10.97
C TYR B 264 17.15 -11.96 10.05
N VAL B 265 16.89 -12.45 8.83
CA VAL B 265 16.20 -11.63 7.84
C VAL B 265 14.73 -11.44 8.19
N ALA B 266 14.08 -12.48 8.70
CA ALA B 266 12.67 -12.41 9.02
C ALA B 266 12.40 -11.89 10.43
N GLN B 267 13.44 -11.69 11.24
CA GLN B 267 13.29 -11.22 12.62
C GLN B 267 12.35 -12.11 13.41
N ALA B 268 12.48 -13.42 13.20
CA ALA B 268 11.63 -14.40 13.85
C ALA B 268 12.51 -15.52 14.42
N HIS B 269 11.97 -16.19 15.45
CA HIS B 269 12.71 -17.19 16.19
C HIS B 269 12.38 -18.62 15.76
N ASP B 270 11.61 -18.79 14.70
CA ASP B 270 11.25 -20.11 14.21
C ASP B 270 12.20 -20.55 13.11
N LYS B 271 11.87 -21.65 12.44
CA LYS B 271 12.63 -22.18 11.33
C LYS B 271 11.87 -22.02 10.03
N PRO B 272 12.56 -21.95 8.89
CA PRO B 272 11.86 -21.81 7.60
C PRO B 272 11.35 -23.17 7.13
N ARG B 273 10.06 -23.24 6.81
CA ARG B 273 9.50 -24.48 6.30
C ARG B 273 9.97 -24.76 4.88
N TYR B 274 10.20 -23.72 4.08
CA TYR B 274 10.67 -23.88 2.71
C TYR B 274 11.85 -22.96 2.46
N THR B 275 12.86 -23.49 1.79
CA THR B 275 14.08 -22.74 1.47
C THR B 275 14.36 -22.85 -0.02
N LEU B 276 14.53 -21.71 -0.68
CA LEU B 276 14.87 -21.68 -2.10
C LEU B 276 16.12 -20.84 -2.28
N HIS B 277 17.08 -21.37 -3.05
CA HIS B 277 18.33 -20.69 -3.35
C HIS B 277 18.44 -20.59 -4.87
N TYR B 278 18.05 -19.45 -5.42
CA TYR B 278 18.06 -19.23 -6.86
C TYR B 278 19.33 -18.48 -7.25
N LYS B 279 20.00 -18.96 -8.29
CA LYS B 279 21.22 -18.32 -8.79
C LYS B 279 21.19 -18.43 -10.32
N THR B 280 20.84 -17.33 -10.98
CA THR B 280 20.72 -17.31 -12.43
C THR B 280 21.55 -16.17 -13.01
N ASP B 281 22.02 -16.37 -14.23
CA ASP B 281 22.80 -15.35 -14.92
C ASP B 281 22.40 -15.11 -16.37
N ALA B 282 21.74 -16.06 -17.03
CA ALA B 282 21.39 -15.87 -18.43
C ALA B 282 20.43 -14.70 -18.66
N PRO B 283 19.31 -14.57 -17.96
CA PRO B 283 18.50 -13.36 -18.14
C PRO B 283 19.11 -12.14 -17.47
N LEU B 284 19.61 -12.29 -16.25
CA LEU B 284 20.25 -11.23 -15.49
C LEU B 284 20.84 -11.85 -14.23
N ASN B 285 21.85 -11.18 -13.68
CA ASN B 285 22.57 -11.70 -12.52
C ASN B 285 21.67 -11.62 -11.29
N ILE B 286 21.14 -12.76 -10.86
CA ILE B 286 20.29 -12.85 -9.68
C ILE B 286 20.86 -13.92 -8.75
N ARG B 287 21.11 -13.53 -7.50
CA ARG B 287 21.50 -14.44 -6.43
C ARG B 287 20.49 -14.19 -5.30
N SER B 288 19.41 -14.95 -5.30
CA SER B 288 18.31 -14.71 -4.36
C SER B 288 18.15 -15.93 -3.45
N ILE B 289 17.71 -15.65 -2.23
CA ILE B 289 17.36 -16.70 -1.28
C ILE B 289 16.01 -16.34 -0.66
N PHE B 290 15.13 -17.32 -0.56
CA PHE B 290 13.78 -17.11 -0.07
C PHE B 290 13.42 -18.19 0.94
N TYR B 291 12.58 -17.82 1.91
CA TYR B 291 12.14 -18.72 2.95
C TYR B 291 10.64 -18.56 3.15
N VAL B 292 9.92 -19.67 3.18
CA VAL B 292 8.54 -19.72 3.62
C VAL B 292 8.55 -20.20 5.07
N PRO B 293 8.05 -19.41 6.01
CA PRO B 293 8.18 -19.76 7.43
C PRO B 293 7.36 -20.97 7.81
N ASP B 294 7.81 -21.65 8.87
CA ASP B 294 7.07 -22.79 9.40
C ASP B 294 5.80 -22.35 10.10
N MET B 295 5.86 -21.27 10.86
CA MET B 295 4.69 -20.80 11.59
C MET B 295 3.66 -20.21 10.63
N LYS B 296 2.41 -20.21 11.07
CA LYS B 296 1.34 -19.68 10.25
C LYS B 296 1.55 -18.18 10.01
N PRO B 297 1.09 -17.66 8.88
CA PRO B 297 1.28 -16.23 8.60
C PRO B 297 0.60 -15.38 9.66
N SER B 298 1.26 -14.28 9.99
CA SER B 298 0.75 -13.37 11.00
C SER B 298 -0.13 -12.31 10.35
N MET B 299 -0.80 -11.51 11.19
CA MET B 299 -1.66 -10.47 10.67
C MET B 299 -0.85 -9.39 9.97
N PHE B 300 0.36 -9.10 10.46
CA PHE B 300 1.23 -8.16 9.78
C PHE B 300 1.62 -8.64 8.39
N ASP B 301 1.71 -9.96 8.20
CA ASP B 301 2.12 -10.50 6.91
C ASP B 301 1.13 -10.16 5.81
N VAL B 302 -0.17 -10.21 6.13
CA VAL B 302 -1.19 -9.92 5.12
C VAL B 302 -1.10 -8.47 4.66
N SER B 303 -0.95 -7.54 5.61
CA SER B 303 -0.80 -6.14 5.25
C SER B 303 0.55 -5.89 4.59
N ARG B 304 0.55 -5.06 3.56
CA ARG B 304 1.78 -4.75 2.83
C ARG B 304 2.61 -3.71 3.59
N SER B 308 7.86 -5.68 0.45
CA SER B 308 7.58 -7.03 -0.03
C SER B 308 8.28 -8.07 0.83
N SER B 309 8.79 -7.63 1.98
CA SER B 309 9.48 -8.46 2.97
C SER B 309 10.76 -9.09 2.43
N VAL B 310 11.21 -8.69 1.24
CA VAL B 310 12.44 -9.18 0.64
C VAL B 310 13.35 -7.98 0.42
N ALA B 311 14.60 -8.09 0.86
CA ALA B 311 15.54 -6.99 0.86
C ALA B 311 16.44 -7.07 -0.36
N LEU B 312 16.49 -6.01 -1.14
CA LEU B 312 17.42 -5.93 -2.26
C LEU B 312 18.84 -5.73 -1.77
N TYR B 313 19.78 -6.33 -2.50
CA TYR B 313 21.20 -6.13 -2.26
C TYR B 313 21.91 -5.98 -3.60
N SER B 314 22.82 -5.02 -3.69
CA SER B 314 23.65 -4.82 -4.87
C SER B 314 25.09 -4.74 -4.40
N ARG B 315 25.90 -5.73 -4.77
CA ARG B 315 27.27 -5.85 -4.27
C ARG B 315 27.29 -5.90 -2.74
N LYS B 316 26.33 -6.63 -2.17
CA LYS B 316 26.27 -6.91 -0.72
C LYS B 316 26.06 -5.64 0.10
N VAL B 317 25.25 -4.71 -0.42
CA VAL B 317 24.81 -3.54 0.32
C VAL B 317 23.34 -3.32 0.02
N LEU B 318 22.59 -2.90 1.04
CA LEU B 318 21.15 -2.74 0.90
C LEU B 318 20.80 -1.60 -0.05
N ILE B 319 19.64 -1.71 -0.68
CA ILE B 319 19.17 -0.69 -1.62
C ILE B 319 18.07 0.13 -0.95
N GLN B 320 17.27 -0.50 -0.11
CA GLN B 320 16.19 0.16 0.63
C GLN B 320 15.20 0.81 -0.33
N THR B 321 14.52 -0.05 -1.10
CA THR B 321 13.48 0.43 -2.00
C THR B 321 12.19 0.69 -1.25
N LYS B 322 11.60 -0.36 -0.67
CA LYS B 322 10.42 -0.28 0.20
C LYS B 322 9.18 0.19 -0.56
N ALA B 323 9.33 0.52 -1.85
CA ALA B 323 8.20 0.96 -2.65
C ALA B 323 8.16 0.36 -4.05
N THR B 324 9.28 -0.12 -4.60
CA THR B 324 9.29 -0.63 -5.97
C THR B 324 8.58 -1.97 -6.07
N ASP B 325 8.53 -2.74 -4.98
CA ASP B 325 7.93 -4.08 -4.96
C ASP B 325 8.62 -4.99 -5.99
N ILE B 326 9.90 -5.26 -5.72
CA ILE B 326 10.68 -6.15 -6.56
C ILE B 326 10.04 -7.53 -6.67
N LEU B 327 9.18 -7.88 -5.73
CA LEU B 327 8.46 -9.14 -5.71
C LEU B 327 6.96 -8.87 -5.72
N PRO B 328 6.17 -9.69 -6.40
CA PRO B 328 4.72 -9.44 -6.44
C PRO B 328 4.12 -9.44 -5.05
N LYS B 329 3.04 -8.67 -4.91
CA LYS B 329 2.45 -8.43 -3.59
C LYS B 329 1.99 -9.73 -2.95
N TRP B 330 1.38 -10.63 -3.74
CA TRP B 330 0.88 -11.88 -3.18
C TRP B 330 2.00 -12.77 -2.66
N LEU B 331 3.22 -12.58 -3.15
CA LEU B 331 4.38 -13.31 -2.65
C LEU B 331 5.05 -12.60 -1.48
N ARG B 332 4.34 -11.67 -0.82
CA ARG B 332 4.90 -10.95 0.31
C ARG B 332 5.06 -11.82 1.56
N PHE B 333 4.51 -13.04 1.55
CA PHE B 333 4.59 -13.90 2.71
C PHE B 333 5.95 -14.56 2.88
N ILE B 334 6.81 -14.52 1.87
CA ILE B 334 8.14 -15.11 1.96
C ILE B 334 9.12 -14.05 2.43
N ARG B 335 10.18 -14.50 3.12
CA ARG B 335 11.20 -13.62 3.65
C ARG B 335 12.55 -14.04 3.09
N GLY B 336 13.33 -13.09 2.63
CA GLY B 336 14.63 -13.41 2.07
C GLY B 336 15.29 -12.20 1.46
N VAL B 337 16.31 -12.46 0.64
CA VAL B 337 17.08 -11.40 0.02
C VAL B 337 17.24 -11.71 -1.47
N VAL B 338 17.53 -10.65 -2.23
CA VAL B 338 17.86 -10.74 -3.64
C VAL B 338 19.10 -9.90 -3.89
N ASP B 339 20.11 -10.48 -4.54
CA ASP B 339 21.31 -9.77 -4.91
C ASP B 339 21.39 -9.69 -6.43
N SER B 340 21.74 -8.50 -6.92
CA SER B 340 21.79 -8.29 -8.37
C SER B 340 22.73 -7.13 -8.65
N GLU B 341 23.78 -7.39 -9.42
CA GLU B 341 24.74 -6.37 -9.83
C GLU B 341 24.29 -5.61 -11.07
N ASP B 342 23.17 -5.98 -11.67
CA ASP B 342 22.71 -5.38 -12.92
C ASP B 342 21.62 -4.33 -12.72
N ILE B 343 21.04 -4.23 -11.53
CA ILE B 343 19.95 -3.26 -11.32
C ILE B 343 20.50 -1.85 -11.45
N PRO B 344 19.75 -0.92 -12.05
CA PRO B 344 20.25 0.45 -12.16
C PRO B 344 19.91 1.27 -10.92
N LEU B 345 20.94 1.83 -10.29
CA LEU B 345 20.79 2.67 -9.12
C LEU B 345 20.93 4.13 -9.52
N ASN B 346 20.10 4.99 -8.91
CA ASN B 346 20.22 6.42 -9.15
C ASN B 346 21.40 6.97 -8.37
N LEU B 347 21.58 8.29 -8.44
CA LEU B 347 22.70 8.92 -7.74
C LEU B 347 22.58 8.75 -6.23
N SER B 348 21.37 8.61 -5.71
CA SER B 348 21.14 8.40 -4.29
C SER B 348 21.35 6.95 -3.87
N ARG B 349 21.92 6.12 -4.74
CA ARG B 349 22.11 4.70 -4.46
C ARG B 349 20.80 4.01 -4.11
N GLU B 350 19.73 4.40 -4.80
CA GLU B 350 18.41 3.81 -4.64
C GLU B 350 17.92 3.27 -5.97
N LEU B 351 16.96 2.35 -5.90
CA LEU B 351 16.47 1.69 -7.10
C LEU B 351 15.79 2.69 -8.02
N LEU B 352 16.04 2.55 -9.32
CA LEU B 352 15.37 3.37 -10.32
C LEU B 352 13.97 2.81 -10.54
N GLN B 353 12.95 3.60 -10.20
CA GLN B 353 11.57 3.12 -10.22
C GLN B 353 11.11 2.84 -11.65
N GLU B 354 10.26 1.83 -11.78
CA GLU B 354 9.65 1.44 -13.06
C GLU B 354 10.71 1.12 -14.12
N SER B 355 11.81 0.51 -13.68
CA SER B 355 12.87 0.11 -14.58
C SER B 355 12.47 -1.18 -15.31
N ALA B 356 12.86 -1.28 -16.57
CA ALA B 356 12.60 -2.51 -17.33
C ALA B 356 13.33 -3.69 -16.72
N LEU B 357 14.56 -3.48 -16.28
CA LEU B 357 15.33 -4.57 -15.67
C LEU B 357 14.67 -5.04 -14.38
N ILE B 358 14.17 -4.11 -13.56
CA ILE B 358 13.53 -4.52 -12.32
C ILE B 358 12.20 -5.22 -12.61
N ARG B 359 11.50 -4.81 -13.67
CA ARG B 359 10.25 -5.50 -14.02
C ARG B 359 10.52 -6.92 -14.49
N LYS B 360 11.53 -7.12 -15.33
CA LYS B 360 11.87 -8.46 -15.77
C LYS B 360 12.41 -9.29 -14.60
N LEU B 361 13.11 -8.66 -13.66
CA LEU B 361 13.54 -9.36 -12.45
C LEU B 361 12.34 -9.82 -11.64
N ARG B 362 11.33 -8.97 -11.48
CA ARG B 362 10.13 -9.34 -10.74
C ARG B 362 9.42 -10.50 -11.43
N ASP B 363 9.29 -10.44 -12.76
CA ASP B 363 8.62 -11.52 -13.49
C ASP B 363 9.40 -12.83 -13.36
N VAL B 364 10.72 -12.77 -13.49
CA VAL B 364 11.54 -13.97 -13.37
C VAL B 364 11.43 -14.56 -11.97
N LEU B 365 11.46 -13.72 -10.94
CA LEU B 365 11.34 -14.20 -9.58
C LEU B 365 9.97 -14.82 -9.34
N GLN B 366 8.92 -14.21 -9.88
CA GLN B 366 7.57 -14.76 -9.71
C GLN B 366 7.45 -16.13 -10.36
N GLN B 367 7.94 -16.27 -11.59
CA GLN B 367 7.85 -17.56 -12.26
C GLN B 367 8.73 -18.61 -11.57
N ARG B 368 9.90 -18.20 -11.07
CA ARG B 368 10.76 -19.11 -10.34
C ARG B 368 10.09 -19.60 -9.06
N LEU B 369 9.44 -18.69 -8.33
CA LEU B 369 8.78 -19.09 -7.10
C LEU B 369 7.57 -19.97 -7.36
N ILE B 370 6.83 -19.70 -8.44
CA ILE B 370 5.71 -20.56 -8.81
C ILE B 370 6.21 -21.95 -9.14
N LYS B 371 7.29 -22.04 -9.93
CA LYS B 371 7.84 -23.35 -10.27
C LYS B 371 8.37 -24.06 -9.03
N PHE B 372 9.02 -23.33 -8.13
CA PHE B 372 9.53 -23.93 -6.90
C PHE B 372 8.40 -24.49 -6.05
N PHE B 373 7.29 -23.75 -5.94
CA PHE B 373 6.15 -24.24 -5.19
C PHE B 373 5.54 -25.47 -5.85
N ILE B 374 5.51 -25.50 -7.18
CA ILE B 374 5.02 -26.68 -7.89
C ILE B 374 5.90 -27.89 -7.59
N ASP B 375 7.22 -27.71 -7.64
CA ASP B 375 8.13 -28.82 -7.35
C ASP B 375 8.01 -29.26 -5.89
N GLN B 376 7.81 -28.31 -4.98
CA GLN B 376 7.60 -28.68 -3.58
C GLN B 376 6.32 -29.47 -3.41
N SER B 377 5.26 -29.09 -4.13
CA SER B 377 4.02 -29.85 -4.10
C SER B 377 4.24 -31.28 -4.61
N LYS B 378 5.01 -31.43 -5.69
CA LYS B 378 5.31 -32.76 -6.21
C LYS B 378 6.12 -33.56 -5.22
N LYS B 379 7.07 -32.92 -4.54
CA LYS B 379 7.99 -33.65 -3.67
C LYS B 379 7.28 -34.19 -2.43
N ASP B 380 6.52 -33.35 -1.75
CA ASP B 380 5.87 -33.71 -0.49
C ASP B 380 4.42 -33.28 -0.52
N ALA B 381 3.51 -34.26 -0.49
CA ALA B 381 2.09 -33.96 -0.53
C ALA B 381 1.61 -33.37 0.80
N GLU B 382 2.03 -33.97 1.92
CA GLU B 382 1.54 -33.52 3.22
C GLU B 382 2.12 -32.17 3.60
N LYS B 383 3.43 -31.97 3.39
CA LYS B 383 4.05 -30.70 3.71
C LYS B 383 3.46 -29.58 2.87
N TYR B 384 3.24 -29.83 1.58
CA TYR B 384 2.64 -28.81 0.73
C TYR B 384 1.18 -28.58 1.10
N ALA B 385 0.46 -29.62 1.54
CA ALA B 385 -0.90 -29.42 1.99
C ALA B 385 -0.95 -28.52 3.22
N LYS B 386 -0.02 -28.72 4.16
CA LYS B 386 0.07 -27.83 5.31
C LYS B 386 0.43 -26.41 4.88
N PHE B 387 1.37 -26.28 3.95
CA PHE B 387 1.75 -24.95 3.47
C PHE B 387 0.56 -24.27 2.81
N PHE B 388 -0.26 -25.02 2.07
CA PHE B 388 -1.43 -24.44 1.43
C PHE B 388 -2.47 -24.01 2.46
N GLU B 389 -2.80 -24.90 3.41
CA GLU B 389 -3.77 -24.51 4.42
C GLU B 389 -3.27 -23.37 5.29
N ASP B 390 -1.97 -23.10 5.27
CA ASP B 390 -1.45 -21.93 5.95
C ASP B 390 -1.47 -20.66 5.09
N TYR B 391 -1.08 -20.75 3.82
CA TYR B 391 -0.83 -19.57 3.00
C TYR B 391 -1.70 -19.51 1.74
N GLY B 392 -2.89 -20.13 1.74
CA GLY B 392 -3.71 -20.10 0.56
C GLY B 392 -4.28 -18.73 0.23
N LEU B 393 -4.44 -17.87 1.25
CA LEU B 393 -4.98 -16.55 1.01
C LEU B 393 -4.07 -15.73 0.10
N PHE B 394 -2.75 -15.91 0.22
CA PHE B 394 -1.82 -15.18 -0.63
C PHE B 394 -1.96 -15.60 -2.10
N MET B 395 -2.05 -16.90 -2.35
CA MET B 395 -2.23 -17.37 -3.74
C MET B 395 -3.59 -16.94 -4.28
N ARG B 396 -4.62 -16.97 -3.44
CA ARG B 396 -5.93 -16.47 -3.88
C ARG B 396 -5.87 -15.00 -4.24
N GLU B 397 -5.18 -14.20 -3.43
CA GLU B 397 -5.00 -12.79 -3.74
C GLU B 397 -4.22 -12.61 -5.03
N GLY B 398 -3.19 -13.43 -5.25
CA GLY B 398 -2.45 -13.34 -6.50
C GLY B 398 -3.31 -13.66 -7.71
N ILE B 399 -4.20 -14.64 -7.58
CA ILE B 399 -5.11 -14.96 -8.68
C ILE B 399 -6.07 -13.81 -8.93
N VAL B 400 -6.67 -13.26 -7.87
CA VAL B 400 -7.66 -12.21 -8.07
C VAL B 400 -7.03 -10.89 -8.47
N THR B 401 -5.72 -10.72 -8.28
CA THR B 401 -5.04 -9.48 -8.61
C THR B 401 -4.18 -9.57 -9.86
N ALA B 402 -4.12 -10.74 -10.50
CA ALA B 402 -3.31 -10.88 -11.70
C ALA B 402 -4.06 -10.33 -12.92
N THR B 403 -3.32 -10.16 -14.01
CA THR B 403 -3.89 -9.66 -15.27
C THR B 403 -3.78 -10.68 -16.39
N GLU B 404 -2.59 -11.19 -16.66
CA GLU B 404 -2.40 -12.15 -17.73
C GLU B 404 -2.94 -13.52 -17.35
N GLN B 405 -3.57 -14.19 -18.31
CA GLN B 405 -4.15 -15.50 -18.04
C GLN B 405 -3.08 -16.55 -17.76
N GLU B 406 -1.89 -16.40 -18.36
CA GLU B 406 -0.81 -17.34 -18.07
C GLU B 406 -0.41 -17.29 -16.60
N VAL B 407 -0.31 -16.08 -16.04
CA VAL B 407 -0.01 -15.93 -14.62
C VAL B 407 -1.15 -16.50 -13.78
N LYS B 408 -2.39 -16.27 -14.22
CA LYS B 408 -3.55 -16.83 -13.54
C LYS B 408 -3.43 -18.34 -13.42
N GLU B 409 -3.16 -19.01 -14.55
CA GLU B 409 -3.05 -20.47 -14.53
C GLU B 409 -1.85 -20.94 -13.73
N ASP B 410 -0.72 -20.22 -13.84
CA ASP B 410 0.47 -20.62 -13.10
C ASP B 410 0.23 -20.57 -11.60
N ILE B 411 -0.44 -19.53 -11.11
CA ILE B 411 -0.76 -19.45 -9.69
C ILE B 411 -1.82 -20.48 -9.33
N ALA B 412 -2.79 -20.70 -10.22
CA ALA B 412 -3.87 -21.64 -9.94
C ALA B 412 -3.36 -23.07 -9.83
N LYS B 413 -2.24 -23.38 -10.49
CA LYS B 413 -1.65 -24.70 -10.34
C LYS B 413 -1.23 -24.98 -8.91
N LEU B 414 -1.08 -23.93 -8.08
CA LEU B 414 -0.75 -24.10 -6.68
C LEU B 414 -1.96 -24.40 -5.81
N LEU B 415 -3.17 -24.23 -6.33
CA LEU B 415 -4.37 -24.43 -5.53
C LEU B 415 -4.59 -25.91 -5.21
N ARG B 416 -5.20 -26.16 -4.06
CA ARG B 416 -5.50 -27.52 -3.62
C ARG B 416 -6.91 -27.53 -3.04
N TYR B 417 -7.85 -28.15 -3.75
CA TYR B 417 -9.23 -28.26 -3.30
C TYR B 417 -9.62 -29.73 -3.26
N GLU B 418 -10.10 -30.18 -2.10
CA GLU B 418 -10.62 -31.53 -2.00
C GLU B 418 -11.97 -31.61 -2.70
N SER B 419 -12.22 -32.74 -3.36
CA SER B 419 -13.38 -32.91 -4.21
C SER B 419 -14.28 -34.02 -3.68
N SER B 420 -15.41 -34.22 -4.36
CA SER B 420 -16.37 -35.22 -3.92
C SER B 420 -15.90 -36.64 -4.25
N ALA B 421 -15.14 -36.80 -5.32
CA ALA B 421 -14.72 -38.14 -5.76
C ALA B 421 -13.69 -38.76 -4.83
N LEU B 422 -13.14 -38.03 -3.88
CA LEU B 422 -12.12 -38.52 -2.98
C LEU B 422 -12.57 -38.36 -1.53
N PRO B 423 -12.04 -39.18 -0.62
CA PRO B 423 -12.45 -39.10 0.78
C PRO B 423 -12.07 -37.77 1.41
N SER B 424 -12.57 -37.56 2.63
CA SER B 424 -12.38 -36.31 3.33
C SER B 424 -10.90 -36.08 3.67
N GLY B 425 -10.50 -34.82 3.63
CA GLY B 425 -9.15 -34.43 4.02
C GLY B 425 -8.08 -34.71 3.01
N GLN B 426 -8.44 -35.08 1.78
CA GLN B 426 -7.46 -35.36 0.72
C GLN B 426 -7.60 -34.29 -0.34
N LEU B 427 -6.76 -33.26 -0.24
CA LEU B 427 -6.82 -32.13 -1.15
C LEU B 427 -6.34 -32.52 -2.54
N THR B 428 -6.95 -31.91 -3.56
CA THR B 428 -6.62 -32.19 -4.95
C THR B 428 -6.35 -30.88 -5.69
N SER B 429 -5.45 -30.96 -6.66
CA SER B 429 -5.12 -29.81 -7.48
C SER B 429 -6.09 -29.70 -8.65
N LEU B 430 -6.09 -28.52 -9.29
CA LEU B 430 -6.91 -28.32 -10.48
C LEU B 430 -6.40 -29.15 -11.64
N SER B 431 -5.08 -29.30 -11.77
CA SER B 431 -4.52 -30.06 -12.88
C SER B 431 -4.90 -31.53 -12.80
N GLU B 432 -4.75 -32.14 -11.62
CA GLU B 432 -5.11 -33.55 -11.49
C GLU B 432 -6.62 -33.75 -11.56
N TYR B 433 -7.40 -32.76 -11.14
CA TYR B 433 -8.85 -32.83 -11.35
C TYR B 433 -9.18 -32.83 -12.83
N ALA B 434 -8.52 -31.96 -13.59
CA ALA B 434 -8.78 -31.90 -15.03
C ALA B 434 -8.30 -33.15 -15.75
N SER B 435 -7.25 -33.79 -15.23
CA SER B 435 -6.70 -34.97 -15.87
C SER B 435 -7.62 -36.19 -15.78
N ARG B 436 -8.69 -36.13 -14.97
CA ARG B 436 -9.55 -37.29 -14.77
C ARG B 436 -11.01 -37.00 -15.06
N MET B 437 -11.30 -35.99 -15.87
CA MET B 437 -12.69 -35.70 -16.25
C MET B 437 -13.10 -36.63 -17.39
N ARG B 438 -14.25 -36.35 -18.00
CA ARG B 438 -14.76 -37.17 -19.08
C ARG B 438 -14.04 -36.78 -20.38
N ALA B 439 -14.50 -37.35 -21.50
CA ALA B 439 -13.80 -37.17 -22.77
C ALA B 439 -13.94 -35.74 -23.30
N GLY B 440 -15.17 -35.21 -23.30
CA GLY B 440 -15.40 -33.94 -23.96
C GLY B 440 -16.17 -32.90 -23.16
N THR B 441 -15.95 -32.84 -21.85
CA THR B 441 -16.60 -31.84 -20.99
C THR B 441 -15.57 -30.79 -20.60
N ARG B 442 -15.77 -29.57 -21.10
CA ARG B 442 -14.90 -28.44 -20.77
C ARG B 442 -15.47 -27.61 -19.61
N ASN B 443 -15.87 -28.28 -18.53
CA ASN B 443 -16.51 -27.62 -17.41
C ASN B 443 -15.91 -28.13 -16.10
N ILE B 444 -15.43 -27.22 -15.27
CA ILE B 444 -14.94 -27.54 -13.94
C ILE B 444 -15.94 -26.99 -12.93
N TYR B 445 -16.50 -27.86 -12.10
CA TYR B 445 -17.54 -27.50 -11.16
C TYR B 445 -16.98 -27.40 -9.75
N TYR B 446 -17.31 -26.31 -9.06
CA TYR B 446 -16.91 -26.11 -7.69
C TYR B 446 -18.10 -25.67 -6.85
N LEU B 447 -18.13 -26.11 -5.60
CA LEU B 447 -19.19 -25.77 -4.66
C LEU B 447 -18.56 -25.28 -3.37
N CYS B 448 -19.10 -24.19 -2.82
CA CYS B 448 -18.55 -23.57 -1.62
C CYS B 448 -19.43 -23.87 -0.42
N ALA B 449 -18.80 -24.28 0.68
CA ALA B 449 -19.49 -24.58 1.92
C ALA B 449 -18.51 -24.39 3.07
N PRO B 450 -19.01 -24.12 4.27
CA PRO B 450 -18.10 -23.99 5.42
C PRO B 450 -17.30 -25.24 5.70
N ASN B 451 -17.87 -26.42 5.47
CA ASN B 451 -17.20 -27.67 5.77
C ASN B 451 -17.60 -28.70 4.72
N ARG B 452 -16.79 -29.75 4.59
CA ARG B 452 -17.07 -30.81 3.63
C ARG B 452 -18.38 -31.52 3.96
N HIS B 453 -18.73 -31.62 5.24
CA HIS B 453 -20.00 -32.24 5.61
C HIS B 453 -21.18 -31.46 5.05
N LEU B 454 -21.12 -30.13 5.15
CA LEU B 454 -22.18 -29.31 4.57
C LEU B 454 -22.12 -29.30 3.05
N ALA B 455 -20.92 -29.40 2.47
CA ALA B 455 -20.81 -29.47 1.02
C ALA B 455 -21.47 -30.73 0.48
N GLU B 456 -21.25 -31.86 1.15
CA GLU B 456 -21.93 -33.10 0.75
C GLU B 456 -23.43 -33.00 0.97
N HIS B 457 -23.85 -32.30 2.03
CA HIS B 457 -25.25 -32.10 2.34
C HIS B 457 -25.75 -30.74 1.89
N SER B 458 -25.09 -30.12 0.91
CA SER B 458 -25.57 -28.87 0.35
C SER B 458 -26.71 -29.15 -0.64
N PRO B 459 -27.76 -28.32 -0.63
CA PRO B 459 -28.85 -28.54 -1.60
C PRO B 459 -28.38 -28.49 -3.05
N TYR B 460 -27.43 -27.61 -3.36
CA TYR B 460 -26.93 -27.50 -4.72
C TYR B 460 -26.23 -28.78 -5.14
N TYR B 461 -25.42 -29.37 -4.25
CA TYR B 461 -24.77 -30.64 -4.58
C TYR B 461 -25.80 -31.75 -4.76
N GLU B 462 -26.83 -31.79 -3.90
CA GLU B 462 -27.84 -32.82 -4.04
C GLU B 462 -28.59 -32.70 -5.36
N ALA B 463 -28.91 -31.47 -5.78
CA ALA B 463 -29.49 -31.27 -7.09
C ALA B 463 -28.51 -31.70 -8.19
N MET B 464 -27.23 -31.39 -8.00
CA MET B 464 -26.19 -31.72 -8.98
C MET B 464 -25.93 -33.22 -9.07
N LYS B 465 -26.41 -34.01 -8.10
CA LYS B 465 -26.16 -35.45 -8.11
C LYS B 465 -26.71 -36.15 -9.34
N LYS B 466 -27.67 -35.53 -10.04
CA LYS B 466 -28.18 -36.12 -11.28
C LYS B 466 -27.06 -36.26 -12.30
N LYS B 467 -26.22 -35.26 -12.44
CA LYS B 467 -25.07 -35.33 -13.33
C LYS B 467 -23.98 -36.20 -12.70
N ASP B 468 -23.39 -37.07 -13.53
CA ASP B 468 -22.32 -37.96 -13.07
C ASP B 468 -20.98 -37.27 -13.34
N THR B 469 -20.57 -36.44 -12.37
CA THR B 469 -19.35 -35.68 -12.51
C THR B 469 -18.77 -35.38 -11.13
N GLU B 470 -17.50 -35.00 -11.12
CA GLU B 470 -16.77 -34.69 -9.89
C GLU B 470 -16.74 -33.18 -9.68
N VAL B 471 -17.01 -32.76 -8.46
CA VAL B 471 -17.09 -31.35 -8.11
C VAL B 471 -16.09 -31.06 -6.99
N LEU B 472 -15.35 -29.97 -7.13
CA LEU B 472 -14.44 -29.51 -6.09
C LEU B 472 -15.21 -28.85 -4.96
N PHE B 473 -14.64 -28.89 -3.75
CA PHE B 473 -15.23 -28.29 -2.57
C PHE B 473 -14.33 -27.18 -2.07
N CYS B 474 -14.91 -26.00 -1.84
CA CYS B 474 -14.19 -24.82 -1.40
C CYS B 474 -14.70 -24.41 -0.03
N PHE B 475 -13.78 -24.20 0.91
CA PHE B 475 -14.15 -23.87 2.28
C PHE B 475 -13.63 -22.52 2.76
N GLU B 476 -12.60 -21.97 2.13
CA GLU B 476 -12.02 -20.72 2.61
C GLU B 476 -12.80 -19.53 2.08
N GLN B 477 -12.57 -18.38 2.71
CA GLN B 477 -13.19 -17.13 2.28
C GLN B 477 -12.47 -16.59 1.05
N PHE B 478 -13.22 -15.85 0.23
CA PHE B 478 -12.71 -15.32 -1.04
C PHE B 478 -12.18 -16.44 -1.93
N ASP B 479 -12.83 -17.59 -1.87
CA ASP B 479 -12.44 -18.75 -2.68
C ASP B 479 -13.27 -18.86 -3.95
N GLU B 480 -14.60 -18.74 -3.84
CA GLU B 480 -15.43 -18.63 -5.04
C GLU B 480 -15.05 -17.40 -5.84
N LEU B 481 -14.68 -16.30 -5.15
CA LEU B 481 -14.21 -15.12 -5.84
C LEU B 481 -12.93 -15.41 -6.62
N THR B 482 -12.02 -16.19 -6.01
CA THR B 482 -10.80 -16.57 -6.69
C THR B 482 -11.10 -17.43 -7.92
N LEU B 483 -12.01 -18.39 -7.77
CA LEU B 483 -12.34 -19.26 -8.90
C LEU B 483 -13.00 -18.48 -10.03
N LEU B 484 -13.85 -17.50 -9.71
CA LEU B 484 -14.49 -16.73 -10.77
C LEU B 484 -13.53 -15.75 -11.43
N HIS B 485 -12.56 -15.21 -10.67
CA HIS B 485 -11.52 -14.41 -11.29
C HIS B 485 -10.64 -15.25 -12.21
N LEU B 486 -10.33 -16.48 -11.79
CA LEU B 486 -9.55 -17.37 -12.66
C LEU B 486 -10.29 -17.64 -13.95
N ARG B 487 -11.54 -18.11 -13.84
CA ARG B 487 -12.49 -18.15 -14.95
C ARG B 487 -12.11 -19.15 -16.04
N GLU B 488 -10.92 -19.75 -15.94
CA GLU B 488 -10.46 -20.68 -16.96
C GLU B 488 -9.20 -21.36 -16.46
N PHE B 489 -9.12 -22.67 -16.69
CA PHE B 489 -7.92 -23.44 -16.36
C PHE B 489 -7.80 -24.59 -17.34
N ASP B 490 -6.64 -24.69 -18.00
CA ASP B 490 -6.40 -25.71 -19.02
C ASP B 490 -7.46 -25.66 -20.12
N LYS B 491 -7.82 -24.44 -20.52
CA LYS B 491 -8.83 -24.21 -21.55
C LYS B 491 -10.17 -24.85 -21.18
N LYS B 492 -10.50 -24.81 -19.89
CA LYS B 492 -11.76 -25.35 -19.39
C LYS B 492 -12.45 -24.28 -18.54
N LYS B 493 -13.71 -24.00 -18.85
CA LYS B 493 -14.44 -22.97 -18.15
C LYS B 493 -14.81 -23.43 -16.75
N LEU B 494 -14.80 -22.50 -15.80
CA LEU B 494 -15.13 -22.77 -14.41
C LEU B 494 -16.56 -22.33 -14.14
N ILE B 495 -17.42 -23.28 -13.79
CA ILE B 495 -18.82 -23.02 -13.50
C ILE B 495 -19.15 -23.60 -12.14
N SER B 496 -19.68 -22.75 -11.25
CA SER B 496 -20.08 -23.23 -9.94
C SER B 496 -21.34 -24.10 -10.05
N VAL B 497 -21.61 -24.85 -8.99
CA VAL B 497 -22.77 -25.74 -8.99
C VAL B 497 -24.06 -24.94 -9.11
N GLU B 498 -24.17 -23.82 -8.38
CA GLU B 498 -25.35 -22.98 -8.49
C GLU B 498 -25.52 -22.41 -9.89
N THR B 499 -24.41 -21.95 -10.49
CA THR B 499 -24.46 -21.43 -11.85
C THR B 499 -24.86 -22.52 -12.83
N ASP B 500 -24.33 -23.73 -12.65
CA ASP B 500 -24.70 -24.85 -13.51
C ASP B 500 -26.17 -25.18 -13.39
N ILE B 501 -26.70 -25.15 -12.16
CA ILE B 501 -28.12 -25.41 -11.95
C ILE B 501 -28.97 -24.36 -12.65
N VAL B 502 -28.57 -23.09 -12.53
CA VAL B 502 -29.35 -22.01 -13.14
C VAL B 502 -29.33 -22.12 -14.66
N VAL B 503 -28.14 -22.34 -15.24
CA VAL B 503 -28.03 -22.32 -16.70
C VAL B 503 -28.70 -23.54 -17.33
N ASP B 504 -28.74 -24.67 -16.61
CA ASP B 504 -29.31 -25.88 -17.17
C ASP B 504 -30.80 -25.71 -17.43
N HIS B 505 -31.24 -26.21 -18.59
CA HIS B 505 -32.64 -26.13 -18.98
C HIS B 505 -33.21 -27.51 -19.26
N CYS B 520 -44.71 -37.12 -2.44
CA CYS B 520 -44.86 -35.86 -3.16
C CYS B 520 -46.20 -35.21 -2.86
N LEU B 521 -46.60 -34.26 -3.70
CA LEU B 521 -47.84 -33.52 -3.52
C LEU B 521 -48.63 -33.54 -4.82
N SER B 522 -49.95 -33.38 -4.68
CA SER B 522 -50.82 -33.33 -5.85
C SER B 522 -50.58 -32.04 -6.63
N GLU B 523 -50.94 -32.08 -7.91
CA GLU B 523 -50.70 -30.93 -8.79
C GLU B 523 -51.47 -29.70 -8.32
N LYS B 524 -52.75 -29.88 -7.99
CA LYS B 524 -53.58 -28.74 -7.58
C LYS B 524 -53.09 -28.14 -6.26
N GLU B 525 -52.81 -29.01 -5.27
CA GLU B 525 -52.30 -28.52 -4.00
C GLU B 525 -50.95 -27.83 -4.17
N THR B 526 -50.08 -28.39 -4.99
CA THR B 526 -48.79 -27.78 -5.25
C THR B 526 -48.96 -26.40 -5.88
N GLU B 527 -49.85 -26.29 -6.88
CA GLU B 527 -50.05 -25.01 -7.56
C GLU B 527 -50.64 -23.96 -6.63
N GLU B 528 -51.62 -24.34 -5.80
CA GLU B 528 -52.20 -23.36 -4.89
C GLU B 528 -51.20 -22.94 -3.82
N LEU B 529 -50.35 -23.86 -3.36
CA LEU B 529 -49.29 -23.49 -2.43
C LEU B 529 -48.29 -22.55 -3.09
N MET B 530 -47.96 -22.81 -4.37
CA MET B 530 -47.13 -21.90 -5.15
C MET B 530 -47.72 -20.50 -5.18
N ALA B 531 -49.01 -20.41 -5.51
CA ALA B 531 -49.66 -19.11 -5.60
C ALA B 531 -49.66 -18.41 -4.25
N TRP B 532 -49.92 -19.13 -3.17
CA TRP B 532 -49.95 -18.53 -1.84
C TRP B 532 -48.58 -18.00 -1.46
N MET B 533 -47.52 -18.80 -1.68
CA MET B 533 -46.18 -18.34 -1.34
C MET B 533 -45.77 -17.15 -2.18
N ARG B 534 -46.09 -17.16 -3.48
CA ARG B 534 -45.78 -16.02 -4.32
C ARG B 534 -46.51 -14.77 -3.86
N ASN B 535 -47.76 -14.92 -3.42
CA ASN B 535 -48.50 -13.79 -2.90
C ASN B 535 -47.88 -13.24 -1.62
N VAL B 536 -47.43 -14.12 -0.72
CA VAL B 536 -46.89 -13.67 0.56
C VAL B 536 -45.37 -13.48 0.53
N LEU B 537 -44.71 -13.78 -0.58
CA LEU B 537 -43.29 -13.49 -0.76
C LEU B 537 -43.04 -12.74 -2.05
N GLY B 538 -43.99 -11.90 -2.47
CA GLY B 538 -43.82 -11.19 -3.72
C GLY B 538 -42.69 -10.18 -3.70
N SER B 539 -42.57 -9.44 -2.59
CA SER B 539 -41.54 -8.39 -2.52
C SER B 539 -40.14 -8.99 -2.46
N ARG B 540 -39.97 -10.09 -1.73
CA ARG B 540 -38.64 -10.64 -1.51
C ARG B 540 -38.22 -11.63 -2.57
N VAL B 541 -39.15 -12.38 -3.15
CA VAL B 541 -38.85 -13.37 -4.18
C VAL B 541 -39.51 -12.94 -5.48
N THR B 542 -38.72 -12.90 -6.55
CA THR B 542 -39.21 -12.50 -7.85
C THR B 542 -39.77 -13.67 -8.66
N ASN B 543 -39.50 -14.91 -8.26
CA ASN B 543 -40.01 -16.07 -8.98
C ASN B 543 -39.85 -17.30 -8.10
N VAL B 544 -40.95 -18.02 -7.88
CA VAL B 544 -40.95 -19.27 -7.12
C VAL B 544 -41.29 -20.40 -8.08
N LYS B 545 -40.54 -21.50 -7.98
CA LYS B 545 -40.75 -22.66 -8.82
C LYS B 545 -40.59 -23.93 -7.99
N VAL B 546 -40.82 -25.07 -8.64
CA VAL B 546 -40.79 -26.37 -7.99
C VAL B 546 -39.60 -27.15 -8.56
N THR B 547 -38.77 -27.70 -7.68
CA THR B 547 -37.63 -28.51 -8.06
C THR B 547 -37.82 -29.92 -7.52
N LEU B 548 -37.80 -30.90 -8.42
CA LEU B 548 -37.88 -32.30 -8.03
C LEU B 548 -36.52 -32.92 -7.77
N ARG B 549 -35.45 -32.15 -7.90
CA ARG B 549 -34.10 -32.63 -7.72
C ARG B 549 -33.64 -32.60 -6.26
N LEU B 550 -34.46 -32.05 -5.37
CA LEU B 550 -34.13 -31.98 -3.96
C LEU B 550 -34.75 -33.15 -3.21
N ASP B 551 -34.04 -33.60 -2.19
CA ASP B 551 -34.54 -34.71 -1.39
C ASP B 551 -34.58 -34.43 0.10
N THR B 552 -33.60 -33.68 0.62
CA THR B 552 -33.50 -33.42 2.06
C THR B 552 -33.51 -31.93 2.40
N HIS B 553 -33.87 -31.07 1.46
CA HIS B 553 -33.91 -29.63 1.70
C HIS B 553 -35.27 -29.07 1.37
N PRO B 554 -35.91 -28.34 2.28
CA PRO B 554 -37.23 -27.76 1.97
C PRO B 554 -37.22 -26.80 0.81
N ALA B 555 -36.15 -26.04 0.62
CA ALA B 555 -36.14 -24.98 -0.39
C ALA B 555 -34.71 -24.69 -0.82
N MET B 556 -34.61 -23.98 -1.94
CA MET B 556 -33.34 -23.60 -2.55
C MET B 556 -33.46 -22.18 -3.08
N VAL B 557 -32.34 -21.47 -3.11
CA VAL B 557 -32.27 -20.14 -3.73
C VAL B 557 -31.23 -20.17 -4.84
N THR B 558 -31.65 -19.74 -6.03
CA THR B 558 -30.76 -19.67 -7.18
C THR B 558 -30.73 -18.24 -7.72
N VAL B 559 -29.53 -17.81 -8.11
CA VAL B 559 -29.28 -16.49 -8.66
C VAL B 559 -28.50 -16.68 -9.96
N LEU B 560 -28.71 -15.75 -10.89
CA LEU B 560 -27.99 -15.81 -12.18
C LEU B 560 -26.49 -15.74 -11.96
N GLU B 561 -26.01 -14.62 -11.41
CA GLU B 561 -24.60 -14.46 -11.05
C GLU B 561 -24.40 -14.76 -9.56
N MET B 562 -24.66 -16.01 -9.20
CA MET B 562 -24.68 -16.39 -7.79
C MET B 562 -23.32 -16.15 -7.14
N GLY B 563 -22.25 -16.58 -7.79
CA GLY B 563 -20.92 -16.36 -7.24
C GLY B 563 -20.58 -14.89 -7.13
N ALA B 564 -20.93 -14.11 -8.16
CA ALA B 564 -20.70 -12.67 -8.10
C ALA B 564 -21.63 -12.00 -7.09
N ALA B 565 -22.87 -12.48 -6.99
CA ALA B 565 -23.82 -11.89 -6.04
C ALA B 565 -23.36 -12.11 -4.60
N ARG B 566 -22.80 -13.28 -4.31
CA ARG B 566 -22.34 -13.56 -2.95
C ARG B 566 -21.26 -12.57 -2.53
N HIS B 567 -20.33 -12.25 -3.43
CA HIS B 567 -19.29 -11.29 -3.09
C HIS B 567 -19.82 -9.86 -3.06
N PHE B 568 -20.71 -9.52 -4.01
CA PHE B 568 -21.25 -8.17 -4.06
C PHE B 568 -22.11 -7.85 -2.85
N LEU B 569 -22.77 -8.85 -2.28
CA LEU B 569 -23.58 -8.61 -1.09
C LEU B 569 -22.73 -8.19 0.09
N ARG B 570 -21.49 -8.68 0.17
CA ARG B 570 -20.58 -8.28 1.24
C ARG B 570 -19.95 -6.91 0.99
N MET B 571 -20.00 -6.41 -0.24
CA MET B 571 -19.45 -5.10 -0.55
C MET B 571 -20.49 -3.98 -0.44
N GLN B 572 -21.74 -4.26 -0.76
CA GLN B 572 -22.80 -3.26 -0.66
C GLN B 572 -23.97 -3.80 0.15
N THR B 577 -35.81 -2.84 3.40
CA THR B 577 -34.60 -3.51 3.88
C THR B 577 -34.22 -4.67 2.96
N GLN B 578 -34.85 -5.83 3.19
CA GLN B 578 -34.57 -7.00 2.36
C GLN B 578 -34.91 -6.76 0.90
N GLU B 579 -35.95 -5.96 0.64
CA GLU B 579 -36.35 -5.70 -0.74
C GLU B 579 -35.26 -4.98 -1.51
N GLU B 580 -34.41 -4.20 -0.82
CA GLU B 580 -33.33 -3.50 -1.48
C GLU B 580 -32.36 -4.47 -2.15
N ARG B 581 -31.96 -5.52 -1.42
CA ARG B 581 -31.11 -6.53 -2.03
C ARG B 581 -31.89 -7.46 -2.96
N ALA B 582 -33.18 -7.66 -2.69
CA ALA B 582 -33.99 -8.50 -3.56
C ALA B 582 -34.15 -7.88 -4.94
N GLN B 583 -34.13 -6.55 -5.03
CA GLN B 583 -34.26 -5.88 -6.32
C GLN B 583 -33.13 -6.27 -7.26
N LEU B 584 -31.89 -6.22 -6.77
CA LEU B 584 -30.71 -6.51 -7.60
C LEU B 584 -30.26 -7.95 -7.48
N LEU B 585 -30.94 -8.78 -6.70
CA LEU B 585 -30.53 -10.16 -6.49
C LEU B 585 -31.32 -11.15 -7.33
N GLN B 586 -32.61 -10.89 -7.57
CA GLN B 586 -33.52 -11.82 -8.22
C GLN B 586 -33.48 -13.18 -7.52
N PRO B 587 -33.95 -13.28 -6.26
CA PRO B 587 -33.83 -14.54 -5.53
C PRO B 587 -34.77 -15.62 -6.03
N THR B 588 -34.38 -16.36 -7.07
CA THR B 588 -35.26 -17.40 -7.61
C THR B 588 -35.41 -18.52 -6.59
N LEU B 589 -36.59 -18.62 -6.00
CA LEU B 589 -36.85 -19.64 -4.98
C LEU B 589 -37.33 -20.93 -5.63
N GLU B 590 -36.90 -22.06 -5.07
CA GLU B 590 -37.33 -23.38 -5.50
C GLU B 590 -37.79 -24.16 -4.28
N ILE B 591 -38.89 -24.89 -4.43
CA ILE B 591 -39.41 -25.68 -3.32
C ILE B 591 -39.44 -27.15 -3.71
N ASN B 592 -39.30 -28.01 -2.71
CA ASN B 592 -39.34 -29.46 -2.89
C ASN B 592 -40.63 -30.00 -2.30
N PRO B 593 -41.58 -30.45 -3.10
CA PRO B 593 -42.87 -30.91 -2.54
C PRO B 593 -42.75 -32.14 -1.67
N ARG B 594 -41.68 -32.92 -1.78
CA ARG B 594 -41.54 -34.14 -1.00
C ARG B 594 -41.02 -33.90 0.41
N HIS B 595 -40.53 -32.70 0.71
CA HIS B 595 -39.97 -32.44 2.02
C HIS B 595 -41.07 -32.32 3.07
N ALA B 596 -40.70 -32.54 4.33
CA ALA B 596 -41.68 -32.57 5.41
C ALA B 596 -42.33 -31.21 5.63
N LEU B 597 -41.53 -30.14 5.63
CA LEU B 597 -42.09 -28.80 5.85
C LEU B 597 -43.05 -28.41 4.73
N ILE B 598 -42.67 -28.68 3.48
CA ILE B 598 -43.53 -28.32 2.36
C ILE B 598 -44.79 -29.16 2.38
N LYS B 599 -44.70 -30.44 2.74
CA LYS B 599 -45.88 -31.28 2.84
C LYS B 599 -46.82 -30.79 3.94
N LYS B 600 -46.26 -30.42 5.09
CA LYS B 600 -47.08 -29.94 6.20
C LYS B 600 -47.63 -28.55 5.95
N LEU B 601 -47.01 -27.78 5.04
CA LEU B 601 -47.54 -26.46 4.73
C LEU B 601 -48.95 -26.52 4.17
N ASN B 602 -49.32 -27.65 3.55
CA ASN B 602 -50.67 -27.79 3.01
C ASN B 602 -51.72 -27.68 4.12
N GLN B 603 -51.48 -28.34 5.25
CA GLN B 603 -52.42 -28.24 6.37
C GLN B 603 -52.17 -27.01 7.22
N LEU B 604 -50.93 -26.50 7.24
CA LEU B 604 -50.62 -25.30 8.00
C LEU B 604 -51.14 -24.04 7.36
N ARG B 605 -51.46 -24.08 6.06
CA ARG B 605 -51.96 -22.90 5.37
C ARG B 605 -53.40 -22.59 5.75
N ALA B 606 -54.19 -23.61 6.06
CA ALA B 606 -55.61 -23.47 6.33
C ALA B 606 -55.97 -23.55 7.81
N SER B 607 -55.38 -24.50 8.54
CA SER B 607 -55.74 -24.67 9.94
C SER B 607 -55.41 -23.43 10.76
N GLU B 608 -54.16 -22.96 10.67
CA GLU B 608 -53.76 -21.67 11.23
C GLU B 608 -52.96 -20.91 10.19
N PRO B 609 -53.64 -20.12 9.34
CA PRO B 609 -52.93 -19.39 8.29
C PRO B 609 -51.91 -18.39 8.82
N GLY B 610 -52.10 -17.89 10.04
CA GLY B 610 -51.16 -16.94 10.59
C GLY B 610 -49.76 -17.53 10.75
N LEU B 611 -49.68 -18.73 11.31
CA LEU B 611 -48.39 -19.38 11.49
C LEU B 611 -47.76 -19.79 10.17
N ALA B 612 -48.57 -19.98 9.13
CA ALA B 612 -48.03 -20.35 7.82
C ALA B 612 -47.15 -19.25 7.26
N GLN B 613 -47.50 -17.99 7.51
CA GLN B 613 -46.68 -16.88 7.05
C GLN B 613 -45.30 -16.91 7.70
N LEU B 614 -45.26 -17.13 9.02
CA LEU B 614 -43.98 -17.26 9.70
C LEU B 614 -43.21 -18.48 9.19
N LEU B 615 -43.92 -19.57 8.92
CA LEU B 615 -43.26 -20.78 8.42
C LEU B 615 -42.59 -20.53 7.08
N VAL B 616 -43.31 -19.88 6.16
CA VAL B 616 -42.73 -19.65 4.84
C VAL B 616 -41.62 -18.60 4.90
N ASP B 617 -41.76 -17.60 5.78
CA ASP B 617 -40.67 -16.65 5.97
C ASP B 617 -39.43 -17.35 6.51
N GLN B 618 -39.61 -18.28 7.45
CA GLN B 618 -38.49 -19.03 8.00
C GLN B 618 -37.85 -19.91 6.93
N ILE B 619 -38.67 -20.54 6.09
CA ILE B 619 -38.14 -21.37 5.01
C ILE B 619 -37.33 -20.52 4.03
N TYR B 620 -37.86 -19.33 3.68
CA TYR B 620 -37.13 -18.43 2.81
C TYR B 620 -35.80 -18.00 3.44
N GLU B 621 -35.81 -17.69 4.73
CA GLU B 621 -34.58 -17.25 5.38
C GLU B 621 -33.57 -18.38 5.49
N ASN B 622 -34.05 -19.61 5.72
CA ASN B 622 -33.16 -20.77 5.73
C ASN B 622 -32.53 -20.98 4.37
N ALA B 623 -33.32 -20.86 3.31
CA ALA B 623 -32.77 -20.98 1.96
C ALA B 623 -31.78 -19.86 1.66
N MET B 624 -32.07 -18.65 2.15
CA MET B 624 -31.13 -17.54 2.01
C MET B 624 -29.80 -17.85 2.69
N ILE B 625 -29.86 -18.35 3.92
CA ILE B 625 -28.64 -18.65 4.67
C ILE B 625 -27.86 -19.76 3.99
N ALA B 626 -28.54 -20.83 3.57
CA ALA B 626 -27.87 -21.92 2.88
C ALA B 626 -27.25 -21.45 1.56
N ALA B 627 -27.85 -20.44 0.93
CA ALA B 627 -27.30 -19.87 -0.29
C ALA B 627 -26.15 -18.91 -0.03
N GLY B 628 -25.92 -18.53 1.22
CA GLY B 628 -24.87 -17.57 1.52
C GLY B 628 -25.22 -16.15 1.15
N LEU B 629 -26.49 -15.82 1.01
CA LEU B 629 -26.94 -14.50 0.62
C LEU B 629 -27.57 -13.74 1.80
N VAL B 630 -27.02 -13.94 2.99
CA VAL B 630 -27.48 -13.25 4.19
C VAL B 630 -26.33 -12.42 4.72
N ASP B 631 -26.50 -11.10 4.73
CA ASP B 631 -25.48 -10.21 5.27
C ASP B 631 -25.30 -10.43 6.78
N ASP B 632 -26.41 -10.54 7.51
CA ASP B 632 -26.34 -10.78 8.95
C ASP B 632 -27.65 -11.42 9.40
N PRO B 633 -27.60 -12.65 9.92
CA PRO B 633 -28.83 -13.33 10.36
C PRO B 633 -29.37 -12.84 11.70
N ARG B 634 -28.91 -11.71 12.21
CA ARG B 634 -29.42 -11.19 13.48
C ARG B 634 -30.87 -10.75 13.37
N ALA B 635 -31.30 -10.34 12.17
CA ALA B 635 -32.66 -9.83 12.01
C ALA B 635 -33.71 -10.92 12.17
N MET B 636 -33.39 -12.14 11.74
CA MET B 636 -34.34 -13.24 11.73
C MET B 636 -34.43 -13.97 13.07
N VAL B 637 -33.64 -13.58 14.07
CA VAL B 637 -33.63 -14.29 15.34
C VAL B 637 -34.98 -14.16 16.03
N GLY B 638 -35.53 -12.94 16.07
CA GLY B 638 -36.82 -12.73 16.70
C GLY B 638 -37.95 -13.45 15.97
N ARG B 639 -37.91 -13.40 14.64
CA ARG B 639 -38.91 -14.12 13.85
C ARG B 639 -38.87 -15.61 14.14
N LEU B 640 -37.66 -16.18 14.19
CA LEU B 640 -37.51 -17.60 14.47
C LEU B 640 -37.98 -17.94 15.88
N ASN B 641 -37.68 -17.07 16.84
CA ASN B 641 -38.08 -17.32 18.23
C ASN B 641 -39.60 -17.29 18.36
N GLU B 642 -40.27 -16.32 17.76
CA GLU B 642 -41.72 -16.28 17.84
C GLU B 642 -42.37 -17.32 16.96
N LEU B 643 -41.65 -17.88 15.99
CA LEU B 643 -42.13 -19.08 15.31
C LEU B 643 -42.07 -20.29 16.23
N LEU B 644 -40.95 -20.46 16.95
CA LEU B 644 -40.79 -21.61 17.82
C LEU B 644 -41.78 -21.58 18.99
N VAL B 645 -42.06 -20.38 19.52
CA VAL B 645 -42.91 -20.31 20.71
C VAL B 645 -44.33 -20.79 20.39
N LYS B 646 -44.82 -20.51 19.18
CA LYS B 646 -46.18 -20.89 18.80
C LYS B 646 -46.23 -22.12 17.91
N ALA B 647 -45.08 -22.68 17.53
CA ALA B 647 -45.07 -23.86 16.68
C ALA B 647 -45.15 -25.15 17.49
N LEU B 648 -44.46 -25.22 18.63
CA LEU B 648 -44.43 -26.41 19.45
C LEU B 648 -45.19 -26.24 20.76
N GLU B 649 -46.09 -25.25 20.84
CA GLU B 649 -46.89 -25.07 22.04
C GLU B 649 -47.87 -26.21 22.27
N ARG B 650 -48.22 -26.96 21.21
CA ARG B 650 -49.14 -28.08 21.37
C ARG B 650 -48.52 -29.23 22.17
N HIS B 651 -47.20 -29.30 22.26
CA HIS B 651 -46.53 -30.37 22.99
C HIS B 651 -46.79 -30.25 24.49
N VAL C 111 -17.80 -6.28 -14.20
CA VAL C 111 -17.88 -5.11 -13.33
C VAL C 111 -17.47 -5.47 -11.91
N ILE C 112 -18.17 -6.44 -11.33
CA ILE C 112 -17.86 -6.86 -9.97
C ILE C 112 -16.49 -7.53 -9.89
N LYS C 113 -16.12 -8.27 -10.94
CA LYS C 113 -14.83 -8.95 -10.95
C LYS C 113 -13.68 -7.95 -10.91
N ASP C 114 -13.82 -6.81 -11.58
CA ASP C 114 -12.78 -5.80 -11.62
C ASP C 114 -12.81 -4.85 -10.42
N LEU C 115 -13.76 -5.03 -9.49
CA LEU C 115 -13.86 -4.13 -8.35
C LEU C 115 -12.67 -4.25 -7.40
N VAL C 116 -11.92 -5.35 -7.48
CA VAL C 116 -10.67 -5.61 -6.74
C VAL C 116 -10.77 -5.10 -5.30
N PRO C 117 -11.51 -5.80 -4.42
CA PRO C 117 -11.67 -5.32 -3.05
C PRO C 117 -10.31 -5.12 -2.36
N ASP C 118 -10.20 -4.02 -1.63
CA ASP C 118 -8.91 -3.62 -1.07
C ASP C 118 -8.57 -4.42 0.18
N LEU C 119 -9.40 -4.33 1.21
CA LEU C 119 -9.11 -4.91 2.52
C LEU C 119 -7.77 -4.41 3.05
N SER C 120 -7.50 -3.12 2.80
CA SER C 120 -6.26 -2.50 3.22
C SER C 120 -6.27 -2.21 4.71
N ASN C 121 -5.08 -1.95 5.26
CA ASN C 121 -4.89 -1.75 6.70
C ASN C 121 -5.46 -2.91 7.49
N PHE C 122 -5.28 -4.12 6.95
CA PHE C 122 -5.88 -5.31 7.55
C PHE C 122 -5.16 -5.70 8.84
N TYR C 123 -3.89 -5.32 8.98
CA TYR C 123 -3.16 -5.54 10.23
C TYR C 123 -3.54 -4.53 11.31
N ALA C 124 -3.94 -3.32 10.91
CA ALA C 124 -4.21 -2.27 11.90
C ALA C 124 -5.38 -2.65 12.81
N GLN C 125 -6.38 -3.35 12.26
CA GLN C 125 -7.52 -3.76 13.07
C GLN C 125 -7.09 -4.73 14.16
N TYR C 126 -6.24 -5.71 13.82
CA TYR C 126 -5.75 -6.64 14.83
C TYR C 126 -4.84 -5.94 15.83
N LYS C 127 -4.03 -4.99 15.36
CA LYS C 127 -3.22 -4.20 16.28
C LYS C 127 -4.09 -3.39 17.23
N SER C 128 -5.27 -2.97 16.77
CA SER C 128 -6.25 -2.35 17.65
C SER C 128 -6.81 -3.34 18.66
N ILE C 129 -7.05 -4.58 18.22
CA ILE C 129 -7.65 -5.58 19.10
C ILE C 129 -6.69 -5.99 20.21
N GLU C 130 -5.40 -6.07 19.90
CA GLU C 130 -4.42 -6.59 20.87
C GLU C 130 -4.46 -5.92 22.24
N PRO C 131 -4.44 -4.59 22.36
CA PRO C 131 -4.42 -4.00 23.72
C PRO C 131 -5.65 -4.34 24.54
N TYR C 132 -6.81 -4.54 23.91
CA TYR C 132 -8.02 -4.84 24.67
C TYR C 132 -7.90 -6.18 25.39
N LEU C 133 -7.34 -7.18 24.72
CA LEU C 133 -7.15 -8.50 25.33
C LEU C 133 -5.82 -8.57 26.07
#